data_5T1L
#
_entry.id   5T1L
#
_cell.length_a   64.050
_cell.length_b   82.970
_cell.length_c   211.960
_cell.angle_alpha   90.00
_cell.angle_beta   90.00
_cell.angle_gamma   90.00
#
_symmetry.space_group_name_H-M   'P 21 21 21'
#
loop_
_entity.id
_entity.type
_entity.pdbx_description
1 polymer 'CETUXIMAB FAB LIGHT CHAIN'
2 polymer 'CETUXIMAB FAB HEAVY CHAIN'
3 polymer 'CETUXIMAB FAB HEAVY CHAIN'
4 polymer 'CYCLIC MEDITOPE CQA(Ph)2DLSTRRLKC'
5 non-polymer 'PHOSPHATE ION'
6 non-polymer 2-acetamido-2-deoxy-beta-D-glucopyranose
7 water water
#
loop_
_entity_poly.entity_id
_entity_poly.type
_entity_poly.pdbx_seq_one_letter_code
_entity_poly.pdbx_strand_id
1 'polypeptide(L)'
;DILLTQSPVILSVSPGERVSFSCRASQSIGTNIHWYQQRTNGSPRLLIKYASESISGIPSRFSGSGSGTDFTLSINSVES
EDIADYYCQQNNNWPTTFGAGTKLELKRTVAAPSVFIFPPSDEQLKSGTASVVCLLNNFYPREAKVQWKVDNALQSGNSQ
ESVTEQDSKDSTYSLSSTLTLSKADYEKHKVYACEVTHQGLSSPVTKSFNRGA
;
A,C
2 'polypeptide(L)'
;(PCA)VQLKQSGPGLVQPSQSLSITCTVSGFSLTNYGVHWVRQSPGKGLEWLGVIWSGGNTDYNTPFTSRLSINKDNSKS
QVFFKMNSLQSNDTAIYYCARALTYYDYEFAYWGQGTLVTVSAASTKGPSVFPLAPSSKSTSGGTAALGCLVKDYFPEPV
TVSWNSGALTSGVHTFPAVLQSSGLYSLSSVVTVPSSSLGTQTYICNVNHKPSNTKVDKRVEPKS
;
B
3 'polypeptide(L)'
;QVQLKQSGPGLVQPSQSLSITCTVSGFSLTNYGVHWVRQSPGKGLEWLGVIWSGGNTDYNTPFTSRLSINKDNSKSQVFF
KMNSLQSNDTAIYYCARALTYYDYEFAYWGQGTLVTVSAASTKGPSVFPLAPSSKSTSGGTAALGCLVKDYFPEPVTVSW
NSGALTSGVHTFPAVLQSSGLYSLSSVVTVPSSSLGTQTYICNVNHKPSNTKVDKRVEPKS
;
D
4 'polypeptide(L)' CQ(2GX)DLSTRRLKC E,F
#
# COMPACT_ATOMS: atom_id res chain seq x y z
N ASP A 1 11.70 19.24 23.48
CA ASP A 1 10.72 19.45 22.43
C ASP A 1 9.71 18.29 22.40
N ILE A 2 8.46 18.59 22.02
CA ILE A 2 7.47 17.55 21.80
C ILE A 2 7.78 16.80 20.50
N LEU A 3 7.71 15.48 20.56
CA LEU A 3 7.88 14.65 19.38
C LEU A 3 6.53 14.21 18.85
N LEU A 4 6.29 14.45 17.57
CA LEU A 4 5.02 14.05 16.97
C LEU A 4 5.22 12.89 16.03
N THR A 5 4.50 11.81 16.29
CA THR A 5 4.62 10.62 15.48
C THR A 5 3.34 10.38 14.70
N GLN A 6 3.46 10.45 13.37
CA GLN A 6 2.35 10.26 12.45
C GLN A 6 2.37 8.86 11.90
N SER A 7 1.20 8.23 11.87
CA SER A 7 1.12 6.88 11.35
C SER A 7 -0.16 6.74 10.53
N PRO A 8 -0.16 5.84 9.54
CA PRO A 8 1.07 5.14 9.10
C PRO A 8 1.89 6.06 8.22
N VAL A 9 2.99 5.55 7.67
CA VAL A 9 3.80 6.38 6.80
C VAL A 9 3.12 6.58 5.44
N ILE A 10 2.55 5.51 4.89
CA ILE A 10 1.77 5.58 3.66
C ILE A 10 0.35 5.07 3.85
N LEU A 11 -0.61 5.81 3.32
CA LEU A 11 -1.99 5.37 3.26
C LEU A 11 -2.41 5.20 1.82
N SER A 12 -3.06 4.08 1.51
CA SER A 12 -3.57 3.86 0.18
C SER A 12 -5.07 3.55 0.25
N VAL A 13 -5.86 4.35 -0.46
CA VAL A 13 -7.31 4.24 -0.40
C VAL A 13 -7.93 4.42 -1.76
N SER A 14 -9.19 4.02 -1.90
CA SER A 14 -9.92 4.19 -3.16
C SER A 14 -10.81 5.43 -3.04
N PRO A 15 -11.12 6.08 -4.19
CA PRO A 15 -11.89 7.34 -4.13
C PRO A 15 -13.26 7.08 -3.53
N GLY A 16 -13.75 8.01 -2.72
CA GLY A 16 -15.04 7.86 -2.09
C GLY A 16 -15.01 7.15 -0.75
N GLU A 17 -13.89 6.48 -0.45
CA GLU A 17 -13.67 5.89 0.87
C GLU A 17 -13.38 6.96 1.91
N ARG A 18 -13.56 6.61 3.18
CA ARG A 18 -13.14 7.46 4.30
C ARG A 18 -11.68 7.14 4.61
N VAL A 19 -10.96 8.13 5.16
CA VAL A 19 -9.57 7.91 5.53
C VAL A 19 -9.19 8.72 6.78
N SER A 20 -8.36 8.12 7.64
CA SER A 20 -7.94 8.76 8.88
C SER A 20 -6.43 8.79 9.03
N PHE A 21 -5.92 9.93 9.50
CA PHE A 21 -4.49 10.07 9.77
C PHE A 21 -4.30 10.20 11.28
N SER A 22 -3.33 9.48 11.83
CA SER A 22 -3.00 9.59 13.24
C SER A 22 -1.82 10.53 13.49
N CYS A 23 -1.94 11.37 14.51
CA CYS A 23 -0.81 12.13 14.98
C CYS A 23 -0.73 11.88 16.48
N ARG A 24 0.40 11.35 16.94
CA ARG A 24 0.56 11.08 18.37
C ARG A 24 1.68 11.91 18.99
N ALA A 25 1.36 12.55 20.11
CA ALA A 25 2.32 13.42 20.79
C ALA A 25 3.00 12.73 21.98
N SER A 26 4.26 13.10 22.21
CA SER A 26 5.09 12.48 23.24
C SER A 26 4.64 12.80 24.67
N GLN A 27 3.97 13.93 24.86
CA GLN A 27 3.22 14.17 26.11
C GLN A 27 1.95 14.96 25.77
N SER A 28 1.06 15.13 26.75
CA SER A 28 -0.22 15.74 26.46
C SER A 28 -0.02 17.17 25.95
N ILE A 29 -0.72 17.50 24.87
CA ILE A 29 -0.64 18.85 24.30
C ILE A 29 -2.05 19.45 24.15
N GLY A 30 -2.95 18.97 25.01
CA GLY A 30 -4.35 19.41 25.00
C GLY A 30 -5.05 19.19 23.67
N THR A 31 -5.51 20.29 23.08
CA THR A 31 -6.00 20.24 21.71
C THR A 31 -5.19 21.19 20.81
N ASN A 32 -3.95 21.45 21.21
CA ASN A 32 -3.11 22.41 20.48
C ASN A 32 -2.38 21.73 19.31
N ILE A 33 -3.15 21.30 18.32
CA ILE A 33 -2.58 20.65 17.17
C ILE A 33 -3.19 21.27 15.90
N HIS A 34 -2.35 21.49 14.89
CA HIS A 34 -2.81 22.01 13.59
C HIS A 34 -2.45 20.99 12.50
N TRP A 35 -3.22 20.96 11.41
CA TRP A 35 -3.00 20.02 10.33
C TRP A 35 -2.72 20.72 8.99
N TYR A 36 -1.83 20.17 8.19
CA TYR A 36 -1.48 20.77 6.91
C TYR A 36 -1.48 19.76 5.77
N GLN A 37 -1.79 20.27 4.59
CA GLN A 37 -1.73 19.50 3.36
C GLN A 37 -0.58 20.02 2.53
N GLN A 38 0.25 19.12 2.01
CA GLN A 38 1.27 19.52 1.05
C GLN A 38 1.07 18.77 -0.25
N ARG A 39 0.71 19.50 -1.31
CA ARG A 39 0.64 18.94 -2.65
C ARG A 39 2.00 19.00 -3.35
N THR A 40 2.14 18.30 -4.47
CA THR A 40 3.39 18.28 -5.22
C THR A 40 3.81 19.70 -5.64
N ASN A 41 5.06 20.05 -5.31
CA ASN A 41 5.60 21.39 -5.52
C ASN A 41 4.87 22.51 -4.79
N GLY A 42 4.18 22.17 -3.71
CA GLY A 42 3.37 23.13 -2.97
C GLY A 42 3.97 23.58 -1.65
N SER A 43 3.44 24.67 -1.14
CA SER A 43 3.73 25.06 0.23
C SER A 43 2.62 24.43 1.07
N PRO A 44 2.84 24.28 2.38
CA PRO A 44 1.78 23.69 3.20
C PRO A 44 0.49 24.51 3.19
N ARG A 45 -0.63 23.82 3.25
CA ARG A 45 -1.95 24.44 3.30
C ARG A 45 -2.64 24.04 4.62
N LEU A 46 -2.98 25.03 5.43
CA LEU A 46 -3.64 24.81 6.73
C LEU A 46 -5.07 24.27 6.58
N LEU A 47 -5.30 23.09 7.14
CA LEU A 47 -6.56 22.37 6.94
C LEU A 47 -7.49 22.48 8.15
N ILE A 48 -6.92 22.23 9.33
CA ILE A 48 -7.63 22.23 10.58
C ILE A 48 -6.72 22.90 11.59
N LYS A 49 -7.28 23.75 12.46
CA LYS A 49 -6.54 24.30 13.58
C LYS A 49 -7.17 23.90 14.91
N TYR A 50 -6.34 23.77 15.94
CA TYR A 50 -6.81 23.38 17.28
C TYR A 50 -7.65 22.11 17.24
N ALA A 51 -7.08 21.08 16.62
CA ALA A 51 -7.64 19.73 16.60
C ALA A 51 -8.92 19.56 15.81
N SER A 52 -9.85 20.51 15.89
CA SER A 52 -11.18 20.29 15.29
C SER A 52 -11.81 21.48 14.59
N GLU A 53 -11.17 22.64 14.67
CA GLU A 53 -11.77 23.88 14.18
C GLU A 53 -11.54 24.08 12.69
N SER A 54 -12.60 24.41 11.97
CA SER A 54 -12.50 24.50 10.53
C SER A 54 -11.77 25.75 10.07
N ILE A 55 -11.32 25.70 8.83
CA ILE A 55 -10.55 26.78 8.22
C ILE A 55 -11.32 27.23 6.99
N SER A 56 -11.40 28.53 6.80
CA SER A 56 -12.11 29.08 5.63
C SER A 56 -11.54 28.54 4.32
N GLY A 57 -12.41 28.21 3.37
CA GLY A 57 -11.97 27.74 2.07
C GLY A 57 -11.60 26.27 1.98
N ILE A 58 -11.46 25.60 3.13
CA ILE A 58 -11.16 24.18 3.17
C ILE A 58 -12.46 23.39 3.08
N PRO A 59 -12.55 22.48 2.11
CA PRO A 59 -13.75 21.66 1.93
C PRO A 59 -14.17 20.90 3.19
N SER A 60 -15.48 20.70 3.34
CA SER A 60 -16.04 20.19 4.57
C SER A 60 -15.79 18.69 4.81
N ARG A 61 -15.32 17.99 3.78
CA ARG A 61 -14.96 16.59 3.93
C ARG A 61 -13.75 16.44 4.85
N PHE A 62 -13.04 17.55 5.08
CA PHE A 62 -11.96 17.58 6.05
C PHE A 62 -12.46 17.84 7.47
N SER A 63 -11.99 17.04 8.41
CA SER A 63 -12.31 17.26 9.82
C SER A 63 -11.24 16.63 10.71
N GLY A 64 -11.18 17.08 11.97
CA GLY A 64 -10.22 16.52 12.91
C GLY A 64 -10.78 16.33 14.30
N SER A 65 -10.24 15.34 15.01
CA SER A 65 -10.62 15.12 16.39
C SER A 65 -9.39 14.77 17.23
N GLY A 66 -9.64 14.44 18.50
CA GLY A 66 -8.58 14.06 19.41
C GLY A 66 -8.30 15.07 20.50
N SER A 67 -7.73 14.58 21.59
CA SER A 67 -7.28 15.43 22.70
C SER A 67 -6.28 14.66 23.55
N GLY A 68 -5.32 15.39 24.11
CA GLY A 68 -4.29 14.78 24.90
C GLY A 68 -3.08 14.43 24.06
N THR A 69 -2.93 13.15 23.71
CA THR A 69 -1.78 12.71 22.93
C THR A 69 -2.14 12.07 21.58
N ASP A 70 -3.40 11.67 21.42
CA ASP A 70 -3.84 10.93 20.24
C ASP A 70 -4.84 11.74 19.40
N PHE A 71 -4.43 12.10 18.18
CA PHE A 71 -5.21 12.98 17.33
C PHE A 71 -5.52 12.38 15.96
N THR A 72 -6.65 12.76 15.40
CA THR A 72 -7.06 12.20 14.12
C THR A 72 -7.51 13.25 13.11
N LEU A 73 -6.94 13.19 11.91
CA LEU A 73 -7.41 13.98 10.79
C LEU A 73 -8.20 13.05 9.90
N SER A 74 -9.40 13.46 9.53
CA SER A 74 -10.26 12.59 8.71
C SER A 74 -10.76 13.25 7.43
N ILE A 75 -10.83 12.45 6.37
CA ILE A 75 -11.49 12.84 5.13
C ILE A 75 -12.61 11.83 4.88
N ASN A 76 -13.86 12.28 4.98
CA ASN A 76 -14.99 11.34 4.92
C ASN A 76 -15.22 10.68 3.56
N SER A 77 -14.91 11.40 2.50
CA SER A 77 -14.97 10.83 1.16
C SER A 77 -13.84 11.38 0.29
N VAL A 78 -12.79 10.56 0.11
CA VAL A 78 -11.57 10.97 -0.58
C VAL A 78 -11.79 11.30 -2.05
N GLU A 79 -11.24 12.43 -2.48
CA GLU A 79 -11.23 12.77 -3.88
C GLU A 79 -9.81 12.72 -4.43
N SER A 80 -9.68 12.65 -5.75
CA SER A 80 -8.38 12.51 -6.40
C SER A 80 -7.45 13.70 -6.10
N GLU A 81 -8.03 14.85 -5.80
N GLU A 81 -8.05 14.85 -5.81
CA GLU A 81 -7.27 16.05 -5.49
CA GLU A 81 -7.28 16.06 -5.50
C GLU A 81 -6.66 16.00 -4.10
C GLU A 81 -6.66 16.01 -4.10
N ASP A 82 -7.01 14.98 -3.32
CA ASP A 82 -6.48 14.85 -1.98
C ASP A 82 -5.13 14.16 -1.96
N ILE A 83 -4.73 13.63 -3.10
CA ILE A 83 -3.39 13.06 -3.24
C ILE A 83 -2.35 14.09 -2.77
N ALA A 84 -1.70 13.79 -1.64
CA ALA A 84 -0.82 14.73 -0.98
C ALA A 84 -0.13 14.11 0.23
N ASP A 85 0.75 14.88 0.84
CA ASP A 85 1.24 14.54 2.17
C ASP A 85 0.49 15.35 3.23
N TYR A 86 0.38 14.77 4.42
CA TYR A 86 -0.29 15.44 5.52
C TYR A 86 0.59 15.50 6.75
N TYR A 87 0.68 16.70 7.33
CA TYR A 87 1.49 16.93 8.50
C TYR A 87 0.67 17.50 9.66
N CYS A 88 1.02 17.10 10.87
CA CYS A 88 0.45 17.74 12.04
C CYS A 88 1.49 18.67 12.68
N GLN A 89 1.01 19.60 13.50
CA GLN A 89 1.85 20.57 14.18
C GLN A 89 1.29 20.74 15.59
N GLN A 90 2.15 20.71 16.61
CA GLN A 90 1.72 21.07 17.97
C GLN A 90 2.27 22.43 18.33
N ASN A 91 1.51 23.17 19.12
CA ASN A 91 2.01 24.41 19.70
C ASN A 91 1.57 24.63 21.16
N ASN A 92 1.49 23.53 21.91
CA ASN A 92 1.22 23.64 23.33
C ASN A 92 2.52 24.00 24.04
N ASN A 93 3.63 23.56 23.44
CA ASN A 93 4.96 23.72 24.00
CA ASN A 93 4.95 23.74 24.01
C ASN A 93 5.90 24.38 23.02
N TRP A 94 6.61 25.40 23.47
CA TRP A 94 7.63 26.05 22.67
C TRP A 94 8.87 25.14 22.61
N PRO A 95 9.46 24.97 21.42
CA PRO A 95 9.03 25.55 20.13
C PRO A 95 7.97 24.71 19.45
N THR A 96 7.19 25.32 18.56
CA THR A 96 6.20 24.59 17.80
C THR A 96 6.95 23.55 16.96
N THR A 97 6.42 22.32 16.89
CA THR A 97 7.09 21.24 16.19
C THR A 97 6.10 20.48 15.30
N PHE A 98 6.63 19.85 14.25
CA PHE A 98 5.79 19.16 13.27
C PHE A 98 6.08 17.69 13.31
N GLY A 99 5.10 16.89 12.91
CA GLY A 99 5.30 15.46 12.76
C GLY A 99 5.99 15.22 11.42
N ALA A 100 6.25 13.96 11.08
CA ALA A 100 7.01 13.69 9.86
C ALA A 100 6.14 13.29 8.66
N GLY A 101 4.82 13.34 8.84
CA GLY A 101 3.91 13.21 7.72
C GLY A 101 3.42 11.83 7.34
N THR A 102 2.28 11.81 6.66
CA THR A 102 1.72 10.60 6.09
C THR A 102 1.40 10.90 4.62
N LYS A 103 1.82 10.00 3.73
CA LYS A 103 1.53 10.12 2.30
C LYS A 103 0.18 9.47 1.94
N LEU A 104 -0.69 10.23 1.27
CA LEU A 104 -1.95 9.69 0.80
C LEU A 104 -1.92 9.28 -0.69
N GLU A 105 -1.98 7.97 -0.93
CA GLU A 105 -2.00 7.44 -2.29
C GLU A 105 -3.40 6.96 -2.66
N LEU A 106 -3.81 7.22 -3.91
CA LEU A 106 -5.10 6.76 -4.39
C LEU A 106 -5.02 5.51 -5.25
N LYS A 107 -5.90 4.56 -4.95
CA LYS A 107 -6.08 3.40 -5.81
C LYS A 107 -6.98 3.78 -6.98
N ARG A 108 -6.75 3.15 -8.12
CA ARG A 108 -7.64 3.31 -9.24
C ARG A 108 -7.51 2.09 -10.12
N THR A 109 -8.33 2.03 -11.18
CA THR A 109 -8.23 0.93 -12.12
C THR A 109 -6.89 0.94 -12.84
N VAL A 110 -6.47 -0.24 -13.29
CA VAL A 110 -5.31 -0.39 -14.15
C VAL A 110 -5.46 0.42 -15.44
N ALA A 111 -4.43 1.19 -15.79
CA ALA A 111 -4.36 1.86 -17.09
C ALA A 111 -3.00 1.59 -17.73
N ALA A 112 -3.01 1.03 -18.93
CA ALA A 112 -1.78 0.79 -19.70
C ALA A 112 -1.18 2.13 -20.14
N PRO A 113 0.16 2.24 -20.11
CA PRO A 113 0.80 3.47 -20.57
C PRO A 113 0.70 3.65 -22.09
N SER A 114 0.56 4.89 -22.54
CA SER A 114 0.81 5.23 -23.93
C SER A 114 2.31 5.52 -24.07
N VAL A 115 2.96 4.86 -25.02
CA VAL A 115 4.41 4.93 -25.13
C VAL A 115 4.88 5.73 -26.34
N PHE A 116 5.86 6.60 -26.11
CA PHE A 116 6.41 7.43 -27.17
C PHE A 116 7.94 7.44 -27.09
N ILE A 117 8.61 7.37 -28.23
CA ILE A 117 10.07 7.45 -28.24
C ILE A 117 10.52 8.70 -29.00
N PHE A 118 11.56 9.35 -28.49
CA PHE A 118 12.06 10.59 -29.09
C PHE A 118 13.56 10.48 -29.37
N PRO A 119 13.96 10.56 -30.66
CA PRO A 119 15.39 10.61 -31.00
C PRO A 119 16.03 11.87 -30.45
N PRO A 120 17.36 11.88 -30.35
CA PRO A 120 18.03 13.14 -30.00
C PRO A 120 17.83 14.19 -31.08
N SER A 121 17.68 15.45 -30.69
CA SER A 121 17.61 16.55 -31.65
C SER A 121 18.97 16.74 -32.32
N ASP A 122 18.96 17.27 -33.54
CA ASP A 122 20.22 17.62 -34.22
C ASP A 122 20.93 18.72 -33.47
N GLU A 123 20.15 19.51 -32.71
CA GLU A 123 20.70 20.59 -31.92
C GLU A 123 21.60 20.03 -30.84
N GLN A 124 21.14 18.98 -30.17
CA GLN A 124 21.91 18.39 -29.08
C GLN A 124 23.14 17.66 -29.62
N LEU A 125 22.99 17.05 -30.79
CA LEU A 125 24.10 16.33 -31.41
C LEU A 125 25.33 17.22 -31.64
N LYS A 126 25.09 18.51 -31.87
CA LYS A 126 26.18 19.47 -32.01
C LYS A 126 27.02 19.62 -30.73
N SER A 127 26.49 19.17 -29.60
CA SER A 127 27.24 19.24 -28.34
C SER A 127 28.03 17.94 -28.06
N GLY A 128 27.86 16.94 -28.91
CA GLY A 128 28.61 15.70 -28.77
C GLY A 128 28.00 14.75 -27.75
N THR A 129 26.74 15.00 -27.41
CA THR A 129 25.99 14.15 -26.50
C THR A 129 24.65 13.84 -27.14
N ALA A 130 24.17 12.62 -26.92
CA ALA A 130 22.87 12.24 -27.45
C ALA A 130 21.92 11.72 -26.37
N SER A 131 20.74 12.31 -26.28
CA SER A 131 19.73 11.83 -25.35
C SER A 131 18.56 11.21 -26.11
N VAL A 132 18.31 9.93 -25.85
CA VAL A 132 17.14 9.27 -26.39
C VAL A 132 16.09 9.17 -25.28
N VAL A 133 14.89 9.68 -25.53
CA VAL A 133 13.92 9.72 -24.45
C VAL A 133 12.75 8.81 -24.73
N CYS A 134 12.34 8.05 -23.73
CA CYS A 134 11.17 7.22 -23.85
C CYS A 134 10.11 7.60 -22.82
N LEU A 135 8.90 7.89 -23.32
CA LEU A 135 7.80 8.36 -22.48
C LEU A 135 6.71 7.31 -22.32
N LEU A 136 6.37 7.02 -21.07
CA LEU A 136 5.26 6.14 -20.72
C LEU A 136 4.23 7.06 -20.07
N ASN A 137 3.11 7.26 -20.73
CA ASN A 137 2.21 8.31 -20.32
C ASN A 137 0.91 7.79 -19.69
N ASN A 138 0.52 8.40 -18.57
CA ASN A 138 -0.78 8.13 -17.96
C ASN A 138 -1.13 6.66 -17.65
N PHE A 139 -0.30 6.00 -16.83
CA PHE A 139 -0.54 4.60 -16.50
C PHE A 139 -0.78 4.39 -15.00
N TYR A 140 -1.23 3.18 -14.67
CA TYR A 140 -1.44 2.78 -13.29
C TYR A 140 -1.49 1.25 -13.25
N PRO A 141 -0.82 0.64 -12.25
CA PRO A 141 -0.12 1.28 -11.13
C PRO A 141 1.29 1.70 -11.53
N ARG A 142 2.08 2.14 -10.55
CA ARG A 142 3.37 2.80 -10.78
C ARG A 142 4.44 1.87 -11.30
N GLU A 143 4.34 0.59 -10.97
CA GLU A 143 5.38 -0.34 -11.41
C GLU A 143 5.42 -0.49 -12.95
N ALA A 144 6.61 -0.36 -13.50
CA ALA A 144 6.83 -0.50 -14.94
C ALA A 144 8.31 -0.82 -15.21
N LYS A 145 8.59 -1.47 -16.33
CA LYS A 145 9.97 -1.76 -16.72
C LYS A 145 10.23 -1.17 -18.09
N VAL A 146 11.32 -0.43 -18.22
CA VAL A 146 11.78 0.01 -19.51
C VAL A 146 13.12 -0.65 -19.81
N GLN A 147 13.19 -1.32 -20.95
CA GLN A 147 14.39 -1.97 -21.38
C GLN A 147 14.85 -1.36 -22.70
N TRP A 148 16.09 -0.90 -22.72
CA TRP A 148 16.64 -0.24 -23.90
C TRP A 148 17.49 -1.21 -24.70
N LYS A 149 17.33 -1.18 -26.01
CA LYS A 149 18.21 -1.95 -26.87
C LYS A 149 18.71 -1.09 -27.99
N VAL A 150 20.00 -1.19 -28.27
CA VAL A 150 20.60 -0.50 -29.40
C VAL A 150 21.23 -1.55 -30.31
N ASP A 151 20.70 -1.67 -31.53
CA ASP A 151 21.17 -2.70 -32.45
C ASP A 151 21.14 -4.05 -31.75
N ASN A 152 20.03 -4.31 -31.06
CA ASN A 152 19.84 -5.55 -30.32
C ASN A 152 20.69 -5.78 -29.08
N ALA A 153 21.65 -4.89 -28.83
CA ALA A 153 22.40 -5.00 -27.59
C ALA A 153 21.59 -4.42 -26.43
N LEU A 154 21.41 -5.23 -25.38
CA LEU A 154 20.80 -4.72 -24.14
C LEU A 154 21.61 -3.58 -23.52
N GLN A 155 20.96 -2.46 -23.24
CA GLN A 155 21.63 -1.31 -22.63
C GLN A 155 21.48 -1.36 -21.12
N SER A 156 22.57 -1.11 -20.40
CA SER A 156 22.52 -1.17 -18.95
C SER A 156 23.41 -0.13 -18.26
N GLY A 157 22.83 0.59 -17.32
CA GLY A 157 23.56 1.59 -16.57
C GLY A 157 23.64 2.97 -17.21
N ASN A 158 23.20 3.07 -18.47
CA ASN A 158 23.25 4.35 -19.17
C ASN A 158 21.87 5.01 -19.36
N SER A 159 20.93 4.67 -18.49
CA SER A 159 19.61 5.27 -18.56
C SER A 159 19.20 5.76 -17.17
N GLN A 160 18.38 6.80 -17.13
CA GLN A 160 17.82 7.26 -15.87
C GLN A 160 16.33 7.47 -16.03
N GLU A 161 15.59 7.21 -14.96
CA GLU A 161 14.14 7.31 -14.97
C GLU A 161 13.69 8.42 -14.07
N SER A 162 12.57 9.05 -14.45
CA SER A 162 11.87 9.97 -13.58
C SER A 162 10.38 9.67 -13.69
N VAL A 163 9.72 9.64 -12.54
CA VAL A 163 8.30 9.35 -12.46
C VAL A 163 7.57 10.53 -11.80
N THR A 164 6.52 11.04 -12.44
CA THR A 164 5.70 12.08 -11.82
C THR A 164 5.01 11.50 -10.60
N GLU A 165 4.51 12.38 -9.73
CA GLU A 165 3.66 11.92 -8.65
C GLU A 165 2.28 11.69 -9.25
N GLN A 166 1.36 11.16 -8.47
CA GLN A 166 0.03 10.90 -9.00
C GLN A 166 -0.67 12.15 -9.53
N ASP A 167 -1.31 12.02 -10.68
CA ASP A 167 -2.08 13.12 -11.22
C ASP A 167 -3.26 13.44 -10.29
N SER A 168 -3.54 14.72 -10.10
CA SER A 168 -4.60 15.11 -9.17
C SER A 168 -5.99 14.84 -9.75
N LYS A 169 -6.05 14.61 -11.06
CA LYS A 169 -7.33 14.45 -11.74
C LYS A 169 -7.65 13.00 -12.06
N ASP A 170 -6.74 12.32 -12.76
CA ASP A 170 -7.01 10.93 -13.18
C ASP A 170 -6.24 9.87 -12.36
N SER A 171 -5.42 10.34 -11.42
CA SER A 171 -4.65 9.48 -10.51
C SER A 171 -3.58 8.60 -11.17
N THR A 172 -3.22 8.92 -12.41
CA THR A 172 -2.21 8.13 -13.13
C THR A 172 -0.78 8.67 -12.88
N TYR A 173 0.20 7.86 -13.30
CA TYR A 173 1.58 8.27 -13.25
C TYR A 173 2.06 8.41 -14.67
N SER A 174 3.14 9.16 -14.85
CA SER A 174 3.85 9.18 -16.12
C SER A 174 5.33 9.01 -15.85
N LEU A 175 6.04 8.39 -16.79
CA LEU A 175 7.44 8.03 -16.59
C LEU A 175 8.24 8.44 -17.80
N SER A 176 9.42 8.98 -17.55
CA SER A 176 10.36 9.21 -18.63
C SER A 176 11.62 8.42 -18.39
N SER A 177 12.03 7.64 -19.38
CA SER A 177 13.33 6.99 -19.38
C SER A 177 14.24 7.67 -20.41
N THR A 178 15.36 8.21 -19.93
CA THR A 178 16.33 8.87 -20.80
C THR A 178 17.60 8.01 -20.95
N LEU A 179 17.87 7.63 -22.20
CA LEU A 179 19.09 6.92 -22.55
C LEU A 179 20.12 7.92 -23.04
N THR A 180 21.26 7.98 -22.36
CA THR A 180 22.31 8.94 -22.72
C THR A 180 23.58 8.25 -23.24
N LEU A 181 23.97 8.62 -24.45
CA LEU A 181 25.22 8.15 -25.04
C LEU A 181 25.98 9.30 -25.70
N SER A 182 27.26 9.04 -26.00
CA SER A 182 28.10 10.02 -26.67
C SER A 182 27.63 10.12 -28.11
N LYS A 183 27.92 11.24 -28.77
CA LYS A 183 27.55 11.35 -30.18
C LYS A 183 28.23 10.27 -31.00
N ALA A 184 29.47 9.93 -30.63
CA ALA A 184 30.24 8.94 -31.38
C ALA A 184 29.55 7.59 -31.35
N ASP A 185 29.21 7.13 -30.14
CA ASP A 185 28.44 5.91 -29.96
C ASP A 185 27.09 5.98 -30.71
N TYR A 186 26.37 7.09 -30.55
CA TYR A 186 25.09 7.26 -31.25
C TYR A 186 25.21 7.10 -32.77
N GLU A 187 26.22 7.70 -33.37
CA GLU A 187 26.39 7.58 -34.82
C GLU A 187 26.82 6.18 -35.28
N LYS A 188 27.44 5.41 -34.40
CA LYS A 188 27.87 4.06 -34.76
C LYS A 188 26.75 3.02 -34.82
N HIS A 189 25.52 3.40 -34.48
CA HIS A 189 24.43 2.44 -34.40
C HIS A 189 23.16 2.89 -35.11
N LYS A 190 22.25 1.94 -35.35
CA LYS A 190 21.07 2.23 -36.17
C LYS A 190 19.70 2.15 -35.46
N VAL A 191 19.39 0.99 -34.88
CA VAL A 191 18.06 0.77 -34.30
C VAL A 191 18.02 1.00 -32.81
N TYR A 192 17.18 1.96 -32.40
CA TYR A 192 17.03 2.32 -30.99
C TYR A 192 15.63 1.96 -30.53
N ALA A 193 15.54 1.05 -29.57
CA ALA A 193 14.24 0.57 -29.09
C ALA A 193 14.11 0.65 -27.58
N CYS A 194 12.95 1.12 -27.12
CA CYS A 194 12.64 0.94 -25.74
C CYS A 194 11.43 0.03 -25.62
N GLU A 195 11.58 -1.01 -24.81
CA GLU A 195 10.52 -1.97 -24.60
C GLU A 195 9.89 -1.71 -23.25
N VAL A 196 8.57 -1.58 -23.24
CA VAL A 196 7.84 -1.24 -22.04
C VAL A 196 7.01 -2.41 -21.57
N THR A 197 7.15 -2.74 -20.29
CA THR A 197 6.42 -3.84 -19.68
C THR A 197 5.54 -3.27 -18.57
N HIS A 198 4.26 -3.61 -18.59
CA HIS A 198 3.35 -3.11 -17.56
C HIS A 198 2.15 -4.04 -17.38
N GLN A 199 1.59 -4.06 -16.16
CA GLN A 199 0.46 -4.92 -15.80
C GLN A 199 -0.76 -4.77 -16.74
N GLY A 200 -0.96 -3.57 -17.28
CA GLY A 200 -2.08 -3.28 -18.15
C GLY A 200 -1.85 -3.56 -19.62
N LEU A 201 -0.67 -4.08 -19.94
CA LEU A 201 -0.37 -4.53 -21.29
C LEU A 201 -0.31 -6.05 -21.31
N SER A 202 -0.93 -6.66 -22.30
CA SER A 202 -0.91 -8.12 -22.34
C SER A 202 0.41 -8.60 -22.94
N SER A 203 1.09 -7.74 -23.68
CA SER A 203 2.42 -8.03 -24.23
C SER A 203 3.28 -6.80 -24.00
N PRO A 204 4.61 -6.96 -23.96
CA PRO A 204 5.45 -5.76 -23.91
C PRO A 204 5.31 -4.96 -25.19
N VAL A 205 5.27 -3.64 -25.05
CA VAL A 205 5.13 -2.74 -26.18
C VAL A 205 6.47 -2.10 -26.54
N THR A 206 6.90 -2.26 -27.79
CA THR A 206 8.16 -1.66 -28.21
C THR A 206 7.97 -0.46 -29.14
N LYS A 207 8.59 0.66 -28.82
CA LYS A 207 8.66 1.80 -29.74
C LYS A 207 10.11 1.97 -30.16
N SER A 208 10.36 2.11 -31.46
CA SER A 208 11.72 2.24 -31.93
C SER A 208 11.84 3.17 -33.12
N PHE A 209 13.08 3.52 -33.46
CA PHE A 209 13.34 4.31 -34.66
C PHE A 209 14.69 3.96 -35.21
N ASN A 210 14.87 4.17 -36.51
CA ASN A 210 16.19 4.04 -37.14
C ASN A 210 16.81 5.42 -37.24
N ARG A 211 18.05 5.55 -36.79
CA ARG A 211 18.77 6.81 -36.90
C ARG A 211 18.74 7.38 -38.32
N GLY A 212 18.37 8.64 -38.45
CA GLY A 212 18.29 9.30 -39.73
C GLY A 212 17.29 8.66 -40.68
N ALA A 213 16.07 8.50 -40.19
CA ALA A 213 14.97 7.96 -40.98
C ALA A 213 13.66 8.46 -40.40
N VAL B 2 -4.26 38.20 1.37
CA VAL B 2 -2.94 38.06 1.96
C VAL B 2 -2.01 37.28 1.04
N GLN B 3 -0.84 37.84 0.73
CA GLN B 3 0.18 37.09 0.00
C GLN B 3 1.56 37.30 0.64
N LEU B 4 2.42 36.29 0.53
CA LEU B 4 3.84 36.43 0.86
C LEU B 4 4.69 35.92 -0.32
N LYS B 5 5.52 36.78 -0.89
CA LYS B 5 6.36 36.40 -2.04
C LYS B 5 7.83 36.50 -1.67
N GLN B 6 8.54 35.40 -1.82
CA GLN B 6 9.94 35.34 -1.39
C GLN B 6 10.89 35.60 -2.56
N SER B 7 12.12 36.02 -2.24
CA SER B 7 13.16 36.13 -3.25
C SER B 7 13.44 34.78 -3.90
N GLY B 8 14.07 34.83 -5.08
CA GLY B 8 14.31 33.64 -5.90
C GLY B 8 15.26 32.60 -5.32
N PRO B 9 15.11 31.35 -5.78
CA PRO B 9 15.94 30.22 -5.32
C PRO B 9 17.40 30.40 -5.72
N GLY B 10 18.31 29.84 -4.93
CA GLY B 10 19.72 30.01 -5.21
C GLY B 10 20.69 29.20 -4.41
N LEU B 11 21.95 29.44 -4.75
CA LEU B 11 23.07 28.67 -4.31
C LEU B 11 23.81 29.45 -3.23
N VAL B 12 24.24 28.77 -2.19
CA VAL B 12 25.03 29.38 -1.14
C VAL B 12 26.26 28.53 -0.89
N GLN B 13 27.44 29.17 -0.93
CA GLN B 13 28.71 28.49 -0.69
C GLN B 13 28.77 27.98 0.76
N PRO B 14 29.33 26.79 0.96
CA PRO B 14 29.46 26.28 2.34
C PRO B 14 30.19 27.29 3.23
N SER B 15 29.73 27.41 4.47
CA SER B 15 30.25 28.38 5.45
C SER B 15 29.86 29.84 5.17
N GLN B 16 29.10 30.08 4.12
CA GLN B 16 28.62 31.43 3.81
C GLN B 16 27.17 31.64 4.26
N SER B 17 26.65 32.83 4.01
CA SER B 17 25.36 33.24 4.59
C SER B 17 24.19 33.20 3.61
N LEU B 18 23.00 32.97 4.15
CA LEU B 18 21.77 32.90 3.38
C LEU B 18 20.91 34.13 3.64
N SER B 19 20.50 34.82 2.58
CA SER B 19 19.61 35.97 2.71
C SER B 19 18.38 35.77 1.86
N ILE B 20 17.22 35.89 2.49
CA ILE B 20 15.95 35.81 1.78
C ILE B 20 15.06 36.98 2.14
N THR B 21 14.45 37.59 1.14
CA THR B 21 13.47 38.64 1.39
C THR B 21 12.06 38.08 1.22
N CYS B 22 11.24 38.33 2.24
CA CYS B 22 9.82 38.03 2.17
C CYS B 22 9.11 39.37 2.02
N THR B 23 8.43 39.56 0.89
CA THR B 23 7.65 40.77 0.64
C THR B 23 6.18 40.42 0.76
N VAL B 24 5.50 41.08 1.69
CA VAL B 24 4.10 40.78 1.97
C VAL B 24 3.18 41.86 1.45
N SER B 25 1.91 41.49 1.28
CA SER B 25 0.86 42.44 0.95
C SER B 25 -0.50 41.84 1.39
N GLY B 26 -1.53 42.67 1.41
CA GLY B 26 -2.82 42.24 1.90
C GLY B 26 -2.95 42.42 3.41
N PHE B 27 -1.89 42.93 4.03
CA PHE B 27 -1.86 43.19 5.48
C PHE B 27 -0.61 43.99 5.82
N SER B 28 -0.53 44.50 7.04
CA SER B 28 0.60 45.32 7.46
C SER B 28 1.50 44.60 8.46
N LEU B 29 2.81 44.78 8.33
CA LEU B 29 3.77 44.13 9.21
C LEU B 29 3.68 44.69 10.63
N THR B 30 2.99 45.83 10.78
CA THR B 30 2.79 46.42 12.11
C THR B 30 1.65 45.72 12.84
N ASN B 31 0.86 44.93 12.09
CA ASN B 31 -0.26 44.20 12.66
C ASN B 31 -0.03 42.71 12.87
N TYR B 32 0.84 42.11 12.05
CA TYR B 32 1.12 40.68 12.19
C TYR B 32 2.60 40.33 12.29
N GLY B 33 2.89 39.23 12.97
CA GLY B 33 4.21 38.66 12.95
C GLY B 33 4.47 37.81 11.71
N VAL B 34 5.73 37.71 11.31
CA VAL B 34 6.09 36.84 10.20
C VAL B 34 7.07 35.77 10.67
N HIS B 35 6.72 34.51 10.42
CA HIS B 35 7.51 33.39 10.87
C HIS B 35 8.38 32.84 9.76
N TRP B 36 9.45 32.15 10.14
CA TRP B 36 10.25 31.40 9.18
C TRP B 36 10.30 29.93 9.55
N VAL B 37 10.12 29.10 8.54
CA VAL B 37 10.04 27.66 8.66
C VAL B 37 10.83 27.09 7.49
N ARG B 38 11.55 26.01 7.74
CA ARG B 38 12.20 25.34 6.63
C ARG B 38 11.75 23.89 6.51
N GLN B 39 12.10 23.26 5.40
CA GLN B 39 11.77 21.88 5.17
C GLN B 39 13.01 21.19 4.56
N SER B 40 13.70 20.40 5.38
CA SER B 40 14.95 19.74 4.94
C SER B 40 14.81 18.22 4.86
N PRO B 41 15.65 17.58 4.02
CA PRO B 41 15.68 16.11 4.01
C PRO B 41 16.03 15.51 5.38
N GLY B 42 16.89 16.20 6.12
CA GLY B 42 17.30 15.72 7.42
C GLY B 42 16.28 15.83 8.54
N LYS B 43 15.47 16.89 8.52
CA LYS B 43 14.62 17.20 9.66
C LYS B 43 13.16 17.59 9.34
N GLY B 44 12.75 17.42 8.09
CA GLY B 44 11.40 17.80 7.68
C GLY B 44 11.05 19.23 8.05
N LEU B 45 9.81 19.47 8.50
CA LEU B 45 9.37 20.81 8.87
C LEU B 45 9.92 21.26 10.23
N GLU B 46 10.52 22.43 10.22
CA GLU B 46 11.30 22.89 11.34
C GLU B 46 11.07 24.39 11.47
N TRP B 47 10.52 24.83 12.60
CA TRP B 47 10.26 26.25 12.80
C TRP B 47 11.55 26.96 13.19
N LEU B 48 11.86 28.07 12.51
CA LEU B 48 13.14 28.76 12.75
C LEU B 48 13.00 29.96 13.69
N GLY B 49 12.00 30.80 13.44
CA GLY B 49 11.75 31.94 14.30
C GLY B 49 10.70 32.91 13.77
N VAL B 50 10.61 34.07 14.39
CA VAL B 50 9.56 35.02 14.07
C VAL B 50 10.02 36.44 14.38
N ILE B 51 9.62 37.40 13.57
CA ILE B 51 9.67 38.79 13.98
C ILE B 51 8.23 39.24 14.20
N TRP B 52 7.96 39.72 15.41
CA TRP B 52 6.61 40.13 15.82
C TRP B 52 6.27 41.51 15.32
N SER B 53 5.02 41.92 15.52
CA SER B 53 4.56 43.24 15.10
C SER B 53 5.51 44.35 15.56
N GLY B 54 5.91 44.29 16.83
CA GLY B 54 6.68 45.35 17.43
C GLY B 54 8.17 45.29 17.21
N GLY B 55 8.64 44.35 16.39
CA GLY B 55 10.06 44.26 16.10
C GLY B 55 10.88 43.27 16.91
N ASN B 56 10.28 42.66 17.94
CA ASN B 56 10.96 41.64 18.74
C ASN B 56 11.16 40.35 17.95
N THR B 57 12.21 39.62 18.29
CA THR B 57 12.49 38.37 17.60
C THR B 57 12.62 37.20 18.57
N ASP B 58 12.07 36.06 18.19
CA ASP B 58 12.38 34.79 18.84
C ASP B 58 13.05 33.89 17.82
N TYR B 59 14.06 33.14 18.25
CA TYR B 59 14.70 32.16 17.38
C TYR B 59 14.66 30.78 18.03
N ASN B 60 14.36 29.74 17.25
CA ASN B 60 14.39 28.37 17.77
C ASN B 60 15.80 28.06 18.30
N THR B 61 15.86 27.29 19.38
CA THR B 61 17.10 27.08 20.14
C THR B 61 18.42 26.89 19.36
N PRO B 62 18.47 25.98 18.37
CA PRO B 62 19.73 25.79 17.66
C PRO B 62 20.08 26.88 16.62
N PHE B 63 19.35 27.99 16.62
CA PHE B 63 19.57 29.01 15.60
C PHE B 63 19.86 30.39 16.19
N THR B 64 19.77 30.52 17.51
CA THR B 64 20.02 31.81 18.18
C THR B 64 21.35 32.46 17.78
N SER B 65 22.36 31.62 17.56
CA SER B 65 23.70 32.07 17.21
C SER B 65 23.80 32.59 15.78
N ARG B 66 23.19 31.88 14.84
CA ARG B 66 23.43 32.17 13.43
C ARG B 66 22.25 32.78 12.68
N LEU B 67 21.18 33.11 13.39
CA LEU B 67 19.99 33.60 12.72
C LEU B 67 19.72 35.06 13.07
N SER B 68 19.38 35.84 12.06
CA SER B 68 18.96 37.21 12.28
C SER B 68 17.75 37.56 11.41
N ILE B 69 16.67 38.04 12.03
CA ILE B 69 15.50 38.49 11.29
C ILE B 69 15.26 39.98 11.50
N ASN B 70 15.08 40.72 10.41
CA ASN B 70 14.76 42.13 10.48
C ASN B 70 13.65 42.46 9.49
N LYS B 71 13.12 43.67 9.56
CA LYS B 71 12.08 44.06 8.63
C LYS B 71 12.03 45.56 8.39
N ASP B 72 11.38 45.93 7.29
CA ASP B 72 11.08 47.30 6.97
C ASP B 72 9.56 47.36 6.79
N ASN B 73 8.86 47.79 7.84
CA ASN B 73 7.40 47.95 7.81
C ASN B 73 6.89 48.71 6.62
N SER B 74 7.49 49.87 6.36
CA SER B 74 7.07 50.75 5.28
C SER B 74 7.10 50.03 3.94
N LYS B 75 8.18 49.30 3.69
CA LYS B 75 8.36 48.58 2.43
CA LYS B 75 8.38 48.57 2.44
C LYS B 75 7.71 47.19 2.44
N SER B 76 7.10 46.84 3.58
CA SER B 76 6.42 45.54 3.74
C SER B 76 7.36 44.38 3.47
N GLN B 77 8.59 44.47 3.96
CA GLN B 77 9.59 43.45 3.70
C GLN B 77 10.12 42.86 4.99
N VAL B 78 10.35 41.55 4.97
CA VAL B 78 10.96 40.86 6.10
C VAL B 78 12.31 40.28 5.63
N PHE B 79 13.36 40.51 6.40
CA PHE B 79 14.68 40.05 5.98
C PHE B 79 15.21 38.90 6.84
N PHE B 80 15.48 37.79 6.19
CA PHE B 80 15.93 36.59 6.86
C PHE B 80 17.40 36.45 6.52
N LYS B 81 18.22 36.17 7.52
CA LYS B 81 19.64 35.95 7.30
C LYS B 81 20.20 34.91 8.27
N MET B 82 20.80 33.87 7.71
CA MET B 82 21.40 32.80 8.50
C MET B 82 22.89 32.62 8.12
N ASN B 83 23.75 32.58 9.14
CA ASN B 83 25.19 32.43 8.92
C ASN B 83 25.61 30.98 8.83
N SER B 84 26.76 30.75 8.21
CA SER B 84 27.52 29.52 8.35
C SER B 84 26.76 28.29 7.87
N LEU B 85 26.30 28.33 6.62
CA LEU B 85 25.53 27.19 6.10
C LEU B 85 26.39 25.98 5.81
N GLN B 86 25.93 24.82 6.25
CA GLN B 86 26.60 23.59 5.86
C GLN B 86 25.71 22.88 4.85
N SER B 87 26.16 21.73 4.39
CA SER B 87 25.39 20.99 3.41
C SER B 87 24.00 20.63 3.91
N ASN B 88 23.87 20.24 5.18
CA ASN B 88 22.57 19.85 5.66
C ASN B 88 21.62 21.03 5.93
N ASP B 89 22.04 22.23 5.52
CA ASP B 89 21.17 23.40 5.59
C ASP B 89 20.43 23.57 4.26
N THR B 90 20.75 22.71 3.31
CA THR B 90 20.02 22.63 2.06
C THR B 90 18.56 22.30 2.40
N ALA B 91 17.65 23.17 1.98
CA ALA B 91 16.25 23.03 2.34
C ALA B 91 15.39 24.03 1.58
N ILE B 92 14.09 23.84 1.69
CA ILE B 92 13.16 24.87 1.26
C ILE B 92 12.89 25.78 2.45
N TYR B 93 13.10 27.06 2.26
CA TYR B 93 12.84 28.04 3.29
C TYR B 93 11.53 28.75 2.98
N TYR B 94 10.66 28.85 3.98
CA TYR B 94 9.39 29.52 3.80
C TYR B 94 9.27 30.63 4.83
N CYS B 95 8.65 31.74 4.42
CA CYS B 95 8.11 32.70 5.40
C CYS B 95 6.61 32.42 5.56
N ALA B 96 6.04 32.76 6.70
CA ALA B 96 4.64 32.42 6.96
C ALA B 96 3.97 33.38 7.91
N ARG B 97 2.65 33.51 7.77
CA ARG B 97 1.85 34.34 8.66
C ARG B 97 0.72 33.54 9.28
N ALA B 98 0.50 33.75 10.58
CA ALA B 98 -0.58 33.09 11.32
C ALA B 98 -1.96 33.73 11.07
N LEU B 99 -3.01 33.04 11.51
CA LEU B 99 -4.38 33.58 11.46
C LEU B 99 -4.56 34.80 12.37
N THR B 100 -4.06 34.70 13.59
CA THR B 100 -4.19 35.79 14.57
C THR B 100 -2.80 36.27 14.95
N TYR B 101 -2.65 37.56 15.21
CA TYR B 101 -1.34 38.22 15.39
C TYR B 101 -0.30 37.57 16.32
N TYR B 102 -0.76 36.83 17.33
CA TYR B 102 0.11 36.31 18.38
C TYR B 102 0.34 34.80 18.26
N ASP B 103 -0.30 34.18 17.27
CA ASP B 103 -0.44 32.73 17.23
C ASP B 103 0.46 32.06 16.18
N TYR B 104 0.33 30.75 16.02
CA TYR B 104 1.27 30.00 15.22
C TYR B 104 0.54 29.08 14.27
N GLU B 105 -0.73 29.37 14.01
CA GLU B 105 -1.48 28.54 13.08
C GLU B 105 -1.34 29.17 11.70
N PHE B 106 -0.45 28.59 10.90
CA PHE B 106 0.05 29.19 9.66
C PHE B 106 -0.89 29.03 8.46
N ALA B 107 -1.73 30.04 8.25
CA ALA B 107 -2.74 30.02 7.20
C ALA B 107 -2.17 30.54 5.89
N TYR B 108 -1.09 31.31 5.97
CA TYR B 108 -0.53 31.93 4.79
C TYR B 108 0.95 31.64 4.66
N TRP B 109 1.35 31.09 3.51
CA TRP B 109 2.75 30.75 3.25
C TRP B 109 3.32 31.45 2.01
N GLY B 110 4.60 31.80 2.08
CA GLY B 110 5.37 32.14 0.90
C GLY B 110 5.49 30.90 0.01
N GLN B 111 5.96 31.09 -1.21
CA GLN B 111 5.98 29.99 -2.17
C GLN B 111 7.18 29.07 -1.93
N GLY B 112 8.00 29.42 -0.94
CA GLY B 112 9.18 28.65 -0.62
C GLY B 112 10.39 29.06 -1.45
N THR B 113 11.57 28.97 -0.86
CA THR B 113 12.82 29.26 -1.55
C THR B 113 13.75 28.04 -1.40
N LEU B 114 13.99 27.31 -2.49
CA LEU B 114 14.93 26.19 -2.47
C LEU B 114 16.37 26.68 -2.39
N VAL B 115 17.05 26.30 -1.33
CA VAL B 115 18.41 26.77 -1.11
C VAL B 115 19.36 25.59 -1.16
N THR B 116 20.32 25.67 -2.07
CA THR B 116 21.31 24.61 -2.18
C THR B 116 22.64 25.09 -1.61
N VAL B 117 23.21 24.29 -0.72
CA VAL B 117 24.53 24.59 -0.20
C VAL B 117 25.52 23.71 -0.92
N SER B 118 26.39 24.34 -1.68
CA SER B 118 27.33 23.62 -2.51
C SER B 118 28.45 24.55 -2.90
N ALA B 119 29.61 23.98 -3.19
CA ALA B 119 30.76 24.76 -3.63
C ALA B 119 30.73 24.99 -5.15
N ALA B 120 29.90 24.21 -5.84
CA ALA B 120 29.84 24.20 -7.30
C ALA B 120 29.39 25.54 -7.89
N SER B 121 29.57 25.69 -9.18
CA SER B 121 29.19 26.92 -9.87
C SER B 121 27.78 26.79 -10.43
N THR B 122 27.06 27.90 -10.46
CA THR B 122 25.80 27.96 -11.15
C THR B 122 26.00 27.69 -12.64
N LYS B 123 25.04 27.04 -13.28
CA LYS B 123 25.13 26.78 -14.71
C LYS B 123 23.75 26.71 -15.33
N GLY B 124 23.51 27.56 -16.32
CA GLY B 124 22.24 27.55 -17.03
C GLY B 124 22.11 26.30 -17.87
N PRO B 125 20.87 25.86 -18.10
CA PRO B 125 20.60 24.67 -18.90
C PRO B 125 20.58 24.97 -20.42
N SER B 126 20.75 23.91 -21.21
CA SER B 126 20.43 23.94 -22.62
C SER B 126 19.03 23.34 -22.75
N VAL B 127 18.28 23.82 -23.74
CA VAL B 127 16.94 23.32 -23.95
C VAL B 127 16.86 22.69 -25.33
N PHE B 128 16.50 21.41 -25.39
CA PHE B 128 16.41 20.69 -26.65
C PHE B 128 14.99 20.17 -26.91
N PRO B 129 14.56 20.17 -28.19
CA PRO B 129 13.19 19.78 -28.47
C PRO B 129 13.02 18.27 -28.43
N LEU B 130 11.88 17.83 -27.91
CA LEU B 130 11.42 16.46 -28.07
C LEU B 130 10.33 16.51 -29.12
N ALA B 131 10.74 16.34 -30.37
CA ALA B 131 9.85 16.58 -31.50
C ALA B 131 8.83 15.47 -31.69
N PRO B 132 7.56 15.84 -31.93
CA PRO B 132 6.55 14.83 -32.28
C PRO B 132 6.84 14.19 -33.64
N SER B 133 6.41 12.96 -33.83
CA SER B 133 6.44 12.36 -35.16
C SER B 133 5.24 11.44 -35.28
N GLY B 139 -3.22 7.19 -32.63
CA GLY B 139 -4.66 7.37 -32.60
C GLY B 139 -5.07 8.82 -32.41
N GLY B 140 -4.48 9.70 -33.23
CA GLY B 140 -4.82 11.10 -33.21
C GLY B 140 -4.18 11.97 -32.13
N THR B 141 -3.51 11.36 -31.15
CA THR B 141 -2.85 12.12 -30.08
C THR B 141 -1.33 12.12 -30.23
N ALA B 142 -0.75 13.31 -30.35
CA ALA B 142 0.71 13.43 -30.45
C ALA B 142 1.37 13.86 -29.14
N ALA B 143 2.60 13.44 -28.92
CA ALA B 143 3.29 13.85 -27.71
C ALA B 143 4.52 14.66 -28.09
N LEU B 144 4.79 15.71 -27.33
CA LEU B 144 5.96 16.50 -27.62
C LEU B 144 6.48 17.08 -26.32
N GLY B 145 7.66 17.66 -26.36
CA GLY B 145 8.22 18.14 -25.12
C GLY B 145 9.56 18.82 -25.27
N CYS B 146 10.14 19.10 -24.11
CA CYS B 146 11.45 19.74 -24.02
C CYS B 146 12.37 18.99 -23.07
N LEU B 147 13.60 18.79 -23.51
CA LEU B 147 14.65 18.26 -22.66
C LEU B 147 15.43 19.45 -22.10
N VAL B 148 15.36 19.65 -20.78
CA VAL B 148 16.06 20.74 -20.12
C VAL B 148 17.27 20.20 -19.40
N LYS B 149 18.44 20.36 -20.01
CA LYS B 149 19.62 19.59 -19.65
C LYS B 149 20.78 20.40 -19.07
N ASP B 150 21.44 19.83 -18.06
CA ASP B 150 22.76 20.28 -17.58
C ASP B 150 22.76 21.60 -16.81
N TYR B 151 21.91 21.71 -15.79
CA TYR B 151 21.88 22.92 -14.99
C TYR B 151 22.19 22.64 -13.52
N PHE B 152 22.55 23.70 -12.81
CA PHE B 152 22.76 23.62 -11.37
C PHE B 152 22.67 25.02 -10.75
N PRO B 153 22.01 25.15 -9.59
CA PRO B 153 21.33 24.05 -8.89
C PRO B 153 19.87 23.96 -9.35
N GLU B 154 19.07 23.13 -8.70
CA GLU B 154 17.61 23.16 -8.84
C GLU B 154 17.16 24.52 -8.31
N PRO B 155 15.97 24.99 -8.71
CA PRO B 155 15.03 24.37 -9.64
C PRO B 155 15.01 25.09 -10.97
N VAL B 156 14.21 24.57 -11.88
CA VAL B 156 13.95 25.28 -13.10
C VAL B 156 12.42 25.29 -13.23
N THR B 157 11.87 26.35 -13.81
CA THR B 157 10.44 26.34 -14.07
C THR B 157 10.20 26.10 -15.55
N VAL B 158 9.16 25.31 -15.84
CA VAL B 158 8.73 25.10 -17.20
C VAL B 158 7.24 25.34 -17.25
N SER B 159 6.81 26.11 -18.24
CA SER B 159 5.41 26.15 -18.58
C SER B 159 5.31 26.02 -20.09
N TRP B 160 4.07 25.94 -20.57
CA TRP B 160 3.84 25.85 -22.01
C TRP B 160 2.96 26.98 -22.57
N ASN B 161 3.38 27.52 -23.72
CA ASN B 161 2.70 28.63 -24.38
C ASN B 161 2.35 29.74 -23.41
N SER B 162 3.36 30.20 -22.69
CA SER B 162 3.25 31.33 -21.77
C SER B 162 2.14 31.16 -20.75
N GLY B 163 1.93 29.94 -20.30
CA GLY B 163 0.91 29.70 -19.30
C GLY B 163 -0.40 29.22 -19.91
N ALA B 164 -0.58 29.42 -21.21
CA ALA B 164 -1.86 29.10 -21.85
C ALA B 164 -2.15 27.61 -21.98
N LEU B 165 -1.11 26.78 -22.06
CA LEU B 165 -1.29 25.34 -22.24
C LEU B 165 -0.92 24.59 -20.96
N THR B 166 -1.90 23.90 -20.36
CA THR B 166 -1.67 23.23 -19.08
C THR B 166 -2.20 21.81 -19.09
N SER B 167 -3.26 21.58 -19.86
CA SER B 167 -3.88 20.28 -19.94
C SER B 167 -2.95 19.26 -20.63
N GLY B 168 -2.69 18.13 -19.97
CA GLY B 168 -1.88 17.08 -20.56
C GLY B 168 -0.37 17.35 -20.45
N VAL B 169 0.00 18.36 -19.66
CA VAL B 169 1.39 18.67 -19.39
C VAL B 169 1.94 17.81 -18.23
N HIS B 170 3.09 17.17 -18.47
CA HIS B 170 3.80 16.52 -17.37
C HIS B 170 5.21 17.04 -17.31
N THR B 171 5.58 17.63 -16.18
CA THR B 171 6.95 18.05 -16.01
C THR B 171 7.63 17.17 -15.00
N PHE B 172 8.56 16.35 -15.49
CA PHE B 172 9.18 15.33 -14.68
C PHE B 172 10.07 15.88 -13.58
N PRO B 173 10.15 15.16 -12.45
CA PRO B 173 11.13 15.52 -11.43
C PRO B 173 12.53 15.53 -12.03
N ALA B 174 13.33 16.51 -11.65
CA ALA B 174 14.71 16.58 -12.12
C ALA B 174 15.52 15.41 -11.59
N VAL B 175 16.44 14.92 -12.41
CA VAL B 175 17.36 13.88 -11.99
C VAL B 175 18.79 14.38 -12.03
N LEU B 176 19.57 13.95 -11.05
CA LEU B 176 20.97 14.33 -10.93
C LEU B 176 21.84 13.35 -11.71
N GLN B 177 22.53 13.85 -12.74
CA GLN B 177 23.45 13.04 -13.54
C GLN B 177 24.81 12.93 -12.85
N SER B 178 25.64 12.02 -13.34
CA SER B 178 26.95 11.74 -12.72
C SER B 178 27.81 13.00 -12.74
N SER B 179 27.56 13.87 -13.71
CA SER B 179 28.30 15.13 -13.83
C SER B 179 28.00 16.10 -12.68
N GLY B 180 27.01 15.77 -11.84
CA GLY B 180 26.60 16.67 -10.78
C GLY B 180 25.72 17.80 -11.28
N LEU B 181 25.23 17.66 -12.51
CA LEU B 181 24.32 18.62 -13.11
C LEU B 181 22.96 17.96 -13.24
N TYR B 182 21.90 18.76 -13.16
CA TYR B 182 20.56 18.21 -13.24
C TYR B 182 20.04 18.17 -14.68
N SER B 183 19.11 17.26 -14.91
CA SER B 183 18.39 17.19 -16.15
C SER B 183 16.89 16.98 -15.90
N LEU B 184 16.09 17.37 -16.86
CA LEU B 184 14.65 17.26 -16.71
C LEU B 184 13.97 17.26 -18.08
N SER B 185 12.85 16.55 -18.19
CA SER B 185 11.98 16.70 -19.35
C SER B 185 10.61 17.19 -18.94
N SER B 186 9.96 17.87 -19.88
CA SER B 186 8.59 18.31 -19.72
C SER B 186 7.86 17.93 -21.00
N VAL B 187 6.79 17.17 -20.87
CA VAL B 187 6.05 16.73 -22.05
C VAL B 187 4.63 17.24 -22.01
N VAL B 188 3.97 17.12 -23.15
CA VAL B 188 2.58 17.47 -23.26
C VAL B 188 2.04 16.67 -24.42
N THR B 189 0.82 16.18 -24.28
CA THR B 189 0.12 15.51 -25.36
C THR B 189 -0.92 16.47 -25.96
N VAL B 190 -1.04 16.44 -27.27
CA VAL B 190 -1.92 17.35 -27.99
C VAL B 190 -2.51 16.62 -29.20
N PRO B 191 -3.61 17.15 -29.77
CA PRO B 191 -4.14 16.55 -30.99
C PRO B 191 -3.14 16.68 -32.13
N SER B 192 -2.89 15.59 -32.84
CA SER B 192 -1.94 15.67 -33.95
C SER B 192 -2.40 16.60 -35.06
N SER B 193 -3.72 16.82 -35.18
CA SER B 193 -4.24 17.71 -36.22
C SER B 193 -3.94 19.17 -35.94
N SER B 194 -3.58 19.45 -34.70
CA SER B 194 -3.31 20.81 -34.29
C SER B 194 -1.83 21.18 -34.47
N LEU B 195 -1.02 20.24 -34.96
CA LEU B 195 0.42 20.50 -35.11
C LEU B 195 0.73 21.38 -36.31
N GLY B 196 -0.16 21.42 -37.28
CA GLY B 196 0.04 22.31 -38.42
C GLY B 196 -0.58 23.68 -38.20
N THR B 197 -1.16 23.88 -37.03
CA THR B 197 -2.00 25.05 -36.79
C THR B 197 -1.50 25.87 -35.59
N GLN B 198 -1.27 25.19 -34.48
CA GLN B 198 -0.83 25.82 -33.24
C GLN B 198 0.68 25.79 -33.16
N THR B 199 1.25 26.80 -32.53
CA THR B 199 2.66 26.75 -32.18
C THR B 199 2.80 26.18 -30.76
N TYR B 200 3.84 25.38 -30.53
CA TYR B 200 4.10 24.87 -29.19
C TYR B 200 5.46 25.28 -28.66
N ILE B 201 5.44 26.03 -27.56
CA ILE B 201 6.64 26.57 -26.98
C ILE B 201 6.76 26.22 -25.51
N CYS B 202 7.91 25.71 -25.10
CA CYS B 202 8.15 25.54 -23.68
C CYS B 202 8.93 26.74 -23.14
N ASN B 203 8.43 27.34 -22.07
CA ASN B 203 9.08 28.50 -21.48
C ASN B 203 9.89 28.02 -20.30
N VAL B 204 11.21 28.04 -20.47
CA VAL B 204 12.11 27.54 -19.45
C VAL B 204 12.80 28.67 -18.70
N ASN B 205 12.69 28.65 -17.38
CA ASN B 205 13.34 29.67 -16.56
C ASN B 205 14.21 29.03 -15.46
N HIS B 206 15.51 29.28 -15.55
CA HIS B 206 16.41 28.88 -14.49
C HIS B 206 16.88 30.13 -13.76
N LYS B 207 16.15 30.50 -12.72
CA LYS B 207 16.46 31.72 -11.96
C LYS B 207 17.90 31.82 -11.40
N PRO B 208 18.44 30.73 -10.80
CA PRO B 208 19.80 30.85 -10.26
C PRO B 208 20.86 31.29 -11.27
N SER B 209 20.61 31.10 -12.56
CA SER B 209 21.59 31.50 -13.56
C SER B 209 21.08 32.61 -14.45
N ASN B 210 19.89 33.13 -14.13
CA ASN B 210 19.18 34.07 -15.00
C ASN B 210 19.16 33.62 -16.45
N THR B 211 18.78 32.37 -16.65
CA THR B 211 18.69 31.82 -17.98
C THR B 211 17.21 31.63 -18.31
N LYS B 212 16.75 32.36 -19.31
CA LYS B 212 15.36 32.25 -19.75
C LYS B 212 15.35 31.87 -21.22
N VAL B 213 14.70 30.77 -21.56
CA VAL B 213 14.72 30.29 -22.94
C VAL B 213 13.32 29.85 -23.36
N ASP B 214 12.89 30.33 -24.51
CA ASP B 214 11.67 29.83 -25.12
C ASP B 214 12.08 28.94 -26.27
N LYS B 215 11.63 27.69 -26.21
CA LYS B 215 12.03 26.71 -27.20
C LYS B 215 10.80 26.31 -27.96
N ARG B 216 10.80 26.60 -29.25
CA ARG B 216 9.71 26.18 -30.11
C ARG B 216 9.97 24.73 -30.47
N VAL B 217 8.90 23.93 -30.44
CA VAL B 217 9.02 22.49 -30.67
C VAL B 217 8.12 22.09 -31.82
N GLU B 218 8.74 21.60 -32.89
CA GLU B 218 8.01 21.31 -34.12
C GLU B 218 8.23 19.88 -34.52
N PRO B 219 7.31 19.33 -35.33
CA PRO B 219 7.54 18.02 -35.95
C PRO B 219 8.80 18.08 -36.82
N LYS B 220 9.65 17.07 -36.72
CA LYS B 220 10.89 17.02 -37.50
C LYS B 220 10.62 16.73 -38.98
N SER B 221 11.31 17.44 -39.86
CA SER B 221 11.13 17.27 -41.32
C SER B 221 12.05 16.18 -41.89
N ASP C 1 -26.65 0.36 19.08
CA ASP C 1 -25.38 -0.30 19.31
C ASP C 1 -24.19 0.67 19.18
N ILE C 2 -23.06 0.32 19.80
CA ILE C 2 -21.84 1.10 19.66
C ILE C 2 -21.15 0.70 18.36
N LEU C 3 -20.85 1.67 17.51
CA LEU C 3 -20.06 1.38 16.32
C LEU C 3 -18.58 1.58 16.65
N LEU C 4 -17.74 0.67 16.20
CA LEU C 4 -16.31 0.80 16.39
C LEU C 4 -15.66 0.98 15.03
N THR C 5 -14.92 2.07 14.89
CA THR C 5 -14.24 2.37 13.65
C THR C 5 -12.76 2.15 13.87
N GLN C 6 -12.18 1.23 13.10
CA GLN C 6 -10.76 0.98 13.17
C GLN C 6 -10.03 1.62 12.01
N SER C 7 -8.87 2.22 12.27
CA SER C 7 -8.08 2.75 11.17
C SER C 7 -6.59 2.53 11.47
N PRO C 8 -5.78 2.40 10.41
CA PRO C 8 -6.23 2.37 9.02
C PRO C 8 -6.76 1.00 8.61
N VAL C 9 -7.41 0.93 7.47
CA VAL C 9 -7.87 -0.34 6.92
C VAL C 9 -6.70 -1.28 6.68
N ILE C 10 -5.68 -0.78 6.00
CA ILE C 10 -4.48 -1.56 5.79
C ILE C 10 -3.31 -0.82 6.41
N LEU C 11 -2.53 -1.53 7.20
CA LEU C 11 -1.38 -0.94 7.85
C LEU C 11 -0.09 -1.64 7.37
N SER C 12 0.70 -0.92 6.58
CA SER C 12 1.94 -1.46 6.04
C SER C 12 3.14 -0.86 6.75
N VAL C 13 3.96 -1.72 7.34
CA VAL C 13 5.10 -1.27 8.12
C VAL C 13 6.35 -2.12 7.88
N SER C 14 7.50 -1.60 8.29
CA SER C 14 8.76 -2.32 8.14
C SER C 14 9.07 -3.00 9.46
N PRO C 15 9.78 -4.14 9.43
CA PRO C 15 10.06 -4.84 10.69
C PRO C 15 10.90 -4.01 11.63
N GLY C 16 10.67 -4.16 12.94
CA GLY C 16 11.40 -3.41 13.94
C GLY C 16 10.73 -2.10 14.27
N GLU C 17 9.98 -1.55 13.31
CA GLU C 17 9.22 -0.31 13.56
C GLU C 17 8.18 -0.45 14.68
N ARG C 18 7.73 0.67 15.20
CA ARG C 18 6.63 0.68 16.13
C ARG C 18 5.35 0.76 15.32
N VAL C 19 4.34 0.03 15.75
CA VAL C 19 3.05 -0.04 15.07
C VAL C 19 1.92 0.41 15.98
N SER C 20 1.02 1.25 15.45
CA SER C 20 -0.13 1.72 16.22
C SER C 20 -1.46 1.54 15.48
N PHE C 21 -2.39 0.81 16.08
CA PHE C 21 -3.73 0.62 15.51
C PHE C 21 -4.75 1.49 16.20
N SER C 22 -5.55 2.23 15.43
CA SER C 22 -6.57 3.07 16.03
CA SER C 22 -6.59 3.08 16.01
C SER C 22 -7.93 2.39 16.07
N CYS C 23 -8.61 2.50 17.22
CA CYS C 23 -9.98 2.04 17.36
C CYS C 23 -10.76 3.17 18.02
N ARG C 24 -11.76 3.68 17.31
CA ARG C 24 -12.55 4.79 17.78
C ARG C 24 -14.00 4.35 18.02
N ALA C 25 -14.53 4.69 19.18
CA ALA C 25 -15.91 4.33 19.52
C ALA C 25 -16.92 5.45 19.20
N SER C 26 -18.14 5.06 18.83
CA SER C 26 -19.15 6.02 18.41
C SER C 26 -19.68 6.87 19.56
N GLN C 27 -19.38 6.41 20.78
CA GLN C 27 -19.61 7.19 22.01
C GLN C 27 -18.70 6.64 23.10
N SER C 28 -18.65 7.30 24.24
CA SER C 28 -17.75 6.88 25.31
C SER C 28 -18.01 5.46 25.83
N ILE C 29 -16.91 4.73 26.03
CA ILE C 29 -16.97 3.37 26.54
C ILE C 29 -15.95 3.17 27.64
N GLY C 30 -15.53 4.26 28.28
CA GLY C 30 -14.55 4.19 29.35
C GLY C 30 -13.26 3.54 28.93
N THR C 31 -12.89 2.44 29.58
CA THR C 31 -11.78 1.62 29.09
C THR C 31 -12.23 0.21 28.71
N ASN C 32 -13.51 0.05 28.35
CA ASN C 32 -14.06 -1.28 28.10
C ASN C 32 -13.82 -1.78 26.67
N ILE C 33 -12.55 -2.02 26.33
CA ILE C 33 -12.18 -2.40 24.98
C ILE C 33 -11.21 -3.56 25.05
N HIS C 34 -11.39 -4.54 24.16
CA HIS C 34 -10.50 -5.69 24.12
C HIS C 34 -9.93 -5.82 22.71
N TRP C 35 -8.70 -6.29 22.61
CA TRP C 35 -8.05 -6.42 21.32
C TRP C 35 -7.74 -7.88 20.99
N TYR C 36 -7.82 -8.19 19.70
CA TYR C 36 -7.62 -9.56 19.25
C TYR C 36 -6.78 -9.60 18.00
N GLN C 37 -6.00 -10.67 17.88
CA GLN C 37 -5.24 -10.94 16.67
C GLN C 37 -5.84 -12.15 15.98
N GLN C 38 -6.08 -12.05 14.68
CA GLN C 38 -6.47 -13.23 13.92
C GLN C 38 -5.46 -13.55 12.82
N ARG C 39 -4.78 -14.68 12.98
CA ARG C 39 -3.88 -15.18 11.94
C ARG C 39 -4.62 -16.03 10.91
N THR C 40 -4.02 -16.20 9.74
CA THR C 40 -4.59 -17.03 8.67
C THR C 40 -5.08 -18.39 9.15
N ASN C 41 -6.32 -18.72 8.79
CA ASN C 41 -7.01 -19.94 9.23
C ASN C 41 -7.19 -20.08 10.75
N GLY C 42 -6.87 -19.03 11.50
CA GLY C 42 -6.94 -19.11 12.95
C GLY C 42 -8.20 -18.55 13.58
N SER C 43 -8.40 -18.87 14.85
CA SER C 43 -9.47 -18.24 15.63
C SER C 43 -8.88 -16.96 16.23
N PRO C 44 -9.73 -15.98 16.59
CA PRO C 44 -9.20 -14.76 17.19
C PRO C 44 -8.44 -15.08 18.48
N ARG C 45 -7.34 -14.39 18.72
CA ARG C 45 -6.55 -14.59 19.93
C ARG C 45 -6.57 -13.31 20.72
N LEU C 46 -6.91 -13.38 22.00
CA LEU C 46 -6.98 -12.19 22.84
C LEU C 46 -5.58 -11.66 23.19
N LEU C 47 -5.37 -10.36 22.97
CA LEU C 47 -4.08 -9.71 23.19
C LEU C 47 -4.07 -8.77 24.40
N ILE C 48 -5.11 -7.95 24.51
CA ILE C 48 -5.19 -6.93 25.53
C ILE C 48 -6.64 -6.85 25.99
N LYS C 49 -6.85 -6.76 27.29
CA LYS C 49 -8.19 -6.60 27.83
C LYS C 49 -8.29 -5.28 28.58
N TYR C 50 -9.48 -4.70 28.58
CA TYR C 50 -9.74 -3.44 29.29
C TYR C 50 -8.72 -2.34 28.95
N ALA C 51 -8.53 -2.13 27.65
CA ALA C 51 -7.67 -1.07 27.12
C ALA C 51 -6.16 -1.31 27.23
N SER C 52 -5.68 -1.66 28.42
CA SER C 52 -4.25 -1.63 28.67
C SER C 52 -3.70 -2.85 29.41
N GLU C 53 -4.59 -3.75 29.81
CA GLU C 53 -4.21 -4.86 30.69
C GLU C 53 -3.73 -6.08 29.90
N SER C 54 -2.62 -6.67 30.33
CA SER C 54 -2.01 -7.73 29.54
C SER C 54 -2.59 -9.13 29.82
N ILE C 55 -2.36 -10.04 28.89
CA ILE C 55 -2.92 -11.39 28.94
C ILE C 55 -1.78 -12.40 29.02
N SER C 56 -2.00 -13.49 29.75
CA SER C 56 -0.94 -14.50 29.93
C SER C 56 -0.52 -15.15 28.60
N GLY C 57 0.78 -15.21 28.36
CA GLY C 57 1.31 -15.82 27.17
C GLY C 57 1.49 -14.89 25.98
N ILE C 58 0.97 -13.67 26.09
CA ILE C 58 1.10 -12.70 25.00
C ILE C 58 2.42 -11.95 25.16
N PRO C 59 3.18 -11.84 24.07
CA PRO C 59 4.47 -11.12 24.02
C PRO C 59 4.36 -9.70 24.56
N SER C 60 5.39 -9.29 25.30
CA SER C 60 5.43 -7.99 25.96
C SER C 60 5.45 -6.83 24.98
N ARG C 61 5.75 -7.11 23.72
CA ARG C 61 5.81 -6.06 22.72
C ARG C 61 4.41 -5.55 22.38
N PHE C 62 3.40 -6.31 22.77
CA PHE C 62 2.01 -5.88 22.64
C PHE C 62 1.61 -5.04 23.84
N SER C 63 1.01 -3.89 23.58
CA SER C 63 0.41 -3.08 24.65
C SER C 63 -0.77 -2.27 24.10
N GLY C 64 -1.55 -1.71 25.01
CA GLY C 64 -2.65 -0.85 24.62
C GLY C 64 -2.88 0.36 25.50
N SER C 65 -3.57 1.36 24.96
CA SER C 65 -3.86 2.57 25.73
C SER C 65 -5.13 3.24 25.22
N GLY C 66 -5.55 4.27 25.94
CA GLY C 66 -6.76 5.00 25.59
C GLY C 66 -7.85 4.95 26.65
N SER C 67 -8.72 5.95 26.63
CA SER C 67 -9.95 5.95 27.43
C SER C 67 -10.94 6.90 26.79
N GLY C 68 -12.23 6.64 26.98
CA GLY C 68 -13.27 7.44 26.37
C GLY C 68 -13.72 6.88 25.03
N THR C 69 -13.14 7.41 23.94
CA THR C 69 -13.51 6.97 22.61
C THR C 69 -12.34 6.55 21.73
N ASP C 70 -11.13 7.03 22.04
CA ASP C 70 -9.96 6.77 21.20
C ASP C 70 -9.01 5.74 21.79
N PHE C 71 -8.80 4.63 21.08
CA PHE C 71 -7.99 3.56 21.63
C PHE C 71 -6.88 3.14 20.67
N THR C 72 -5.77 2.72 21.26
CA THR C 72 -4.58 2.37 20.52
C THR C 72 -4.07 1.00 20.95
N LEU C 73 -3.80 0.14 19.97
CA LEU C 73 -3.09 -1.10 20.22
C LEU C 73 -1.68 -0.91 19.65
N SER C 74 -0.66 -1.26 20.44
CA SER C 74 0.72 -0.98 20.04
C SER C 74 1.63 -2.19 20.01
N ILE C 75 2.36 -2.34 18.91
CA ILE C 75 3.44 -3.31 18.84
C ILE C 75 4.72 -2.50 18.75
N ASN C 76 5.57 -2.61 19.76
CA ASN C 76 6.71 -1.69 19.85
C ASN C 76 7.82 -1.96 18.82
N SER C 77 8.08 -3.24 18.56
CA SER C 77 9.03 -3.63 17.54
C SER C 77 8.41 -4.79 16.77
N VAL C 78 7.73 -4.46 15.68
CA VAL C 78 6.92 -5.42 14.95
C VAL C 78 7.76 -6.57 14.43
N GLU C 79 7.19 -7.76 14.39
CA GLU C 79 7.88 -8.92 13.86
C GLU C 79 7.09 -9.60 12.76
N SER C 80 7.78 -10.37 11.93
CA SER C 80 7.14 -11.09 10.84
C SER C 80 5.99 -11.97 11.33
N GLU C 81 6.16 -12.59 12.49
CA GLU C 81 5.13 -13.42 13.11
CA GLU C 81 5.11 -13.44 13.04
C GLU C 81 3.83 -12.67 13.39
N ASP C 82 3.90 -11.34 13.38
CA ASP C 82 2.75 -10.50 13.72
C ASP C 82 1.85 -10.20 12.53
N ILE C 83 2.23 -10.69 11.35
CA ILE C 83 1.37 -10.55 10.18
C ILE C 83 0.03 -11.21 10.47
N ALA C 84 -1.04 -10.40 10.47
CA ALA C 84 -2.36 -10.86 10.87
C ALA C 84 -3.38 -9.73 10.75
N ASP C 85 -4.64 -10.02 11.03
CA ASP C 85 -5.64 -8.97 11.23
C ASP C 85 -5.86 -8.72 12.71
N TYR C 86 -6.21 -7.47 13.03
CA TYR C 86 -6.35 -7.03 14.41
C TYR C 86 -7.69 -6.36 14.65
N TYR C 87 -8.41 -6.84 15.67
CA TYR C 87 -9.75 -6.34 15.93
C TYR C 87 -9.90 -5.76 17.33
N CYS C 88 -10.72 -4.73 17.45
CA CYS C 88 -11.10 -4.25 18.76
C CYS C 88 -12.54 -4.69 19.05
N GLN C 89 -12.89 -4.73 20.34
CA GLN C 89 -14.20 -5.16 20.82
C GLN C 89 -14.55 -4.26 21.99
N GLN C 90 -15.78 -3.74 22.02
CA GLN C 90 -16.26 -2.98 23.17
C GLN C 90 -17.27 -3.79 23.96
N ASN C 91 -17.28 -3.61 25.28
CA ASN C 91 -18.35 -4.19 26.09
C ASN C 91 -18.85 -3.25 27.19
N ASN C 92 -18.86 -1.95 26.93
CA ASN C 92 -19.50 -1.05 27.89
C ASN C 92 -21.02 -1.07 27.70
N ASN C 93 -21.46 -1.33 26.47
CA ASN C 93 -22.87 -1.38 26.15
C ASN C 93 -23.31 -2.69 25.51
N TRP C 94 -24.33 -3.31 26.06
CA TRP C 94 -24.89 -4.51 25.48
C TRP C 94 -25.57 -4.12 24.16
N PRO C 95 -25.38 -4.91 23.10
CA PRO C 95 -24.52 -6.11 23.07
C PRO C 95 -23.06 -5.75 22.78
N THR C 96 -22.14 -6.62 23.17
CA THR C 96 -20.75 -6.43 22.85
C THR C 96 -20.64 -6.37 21.32
N THR C 97 -19.85 -5.44 20.80
CA THR C 97 -19.69 -5.34 19.35
C THR C 97 -18.22 -5.26 19.00
N PHE C 98 -17.90 -5.52 17.74
CA PHE C 98 -16.51 -5.52 17.28
C PHE C 98 -16.28 -4.48 16.20
N GLY C 99 -15.02 -4.09 16.00
CA GLY C 99 -14.66 -3.27 14.86
C GLY C 99 -14.54 -4.10 13.57
N ALA C 100 -14.32 -3.43 12.45
CA ALA C 100 -14.19 -4.11 11.16
C ALA C 100 -12.76 -4.62 10.88
N GLY C 101 -11.79 -4.19 11.68
CA GLY C 101 -10.45 -4.73 11.59
C GLY C 101 -9.46 -3.85 10.89
N THR C 102 -8.18 -4.14 11.13
CA THR C 102 -7.09 -3.48 10.43
C THR C 102 -6.17 -4.61 10.01
N LYS C 103 -5.76 -4.60 8.75
CA LYS C 103 -4.83 -5.59 8.22
C LYS C 103 -3.37 -5.13 8.31
N LEU C 104 -2.55 -5.89 9.02
CA LEU C 104 -1.12 -5.58 9.15
C LEU C 104 -0.29 -6.28 8.08
N GLU C 105 0.33 -5.51 7.20
CA GLU C 105 1.27 -6.03 6.19
C GLU C 105 2.70 -5.66 6.56
N LEU C 106 3.66 -6.51 6.22
CA LEU C 106 5.06 -6.17 6.43
C LEU C 106 5.82 -5.91 5.13
N LYS C 107 6.70 -4.90 5.14
CA LYS C 107 7.57 -4.63 4.00
C LYS C 107 8.81 -5.46 4.15
N ARG C 108 9.42 -5.80 3.04
CA ARG C 108 10.69 -6.51 3.06
C ARG C 108 11.30 -6.22 1.72
N THR C 109 12.50 -6.72 1.48
CA THR C 109 13.18 -6.44 0.23
C THR C 109 12.55 -7.26 -0.88
N VAL C 110 12.65 -6.74 -2.10
CA VAL C 110 12.20 -7.45 -3.28
C VAL C 110 12.84 -8.84 -3.35
N ALA C 111 12.03 -9.81 -3.73
CA ALA C 111 12.46 -11.19 -3.92
C ALA C 111 11.77 -11.78 -5.14
N ALA C 112 12.56 -12.30 -6.07
CA ALA C 112 12.05 -12.93 -7.27
C ALA C 112 11.43 -14.30 -6.95
N PRO C 113 10.35 -14.63 -7.68
CA PRO C 113 9.75 -15.97 -7.57
C PRO C 113 10.61 -17.04 -8.23
N SER C 114 10.66 -18.20 -7.60
CA SER C 114 11.17 -19.41 -8.26
C SER C 114 9.95 -20.06 -8.88
N VAL C 115 10.07 -20.41 -10.15
CA VAL C 115 8.92 -20.87 -10.93
C VAL C 115 8.97 -22.35 -11.26
N PHE C 116 7.84 -23.02 -11.14
CA PHE C 116 7.76 -24.45 -11.44
C PHE C 116 6.49 -24.73 -12.22
N ILE C 117 6.60 -25.60 -13.23
CA ILE C 117 5.43 -26.03 -13.99
C ILE C 117 5.13 -27.51 -13.78
N PHE C 118 3.85 -27.83 -13.64
CA PHE C 118 3.37 -29.20 -13.45
C PHE C 118 2.37 -29.59 -14.54
N PRO C 119 2.69 -30.65 -15.30
CA PRO C 119 1.75 -31.16 -16.29
C PRO C 119 0.63 -31.90 -15.58
N PRO C 120 -0.51 -32.12 -16.26
CA PRO C 120 -1.57 -32.93 -15.64
C PRO C 120 -1.10 -34.38 -15.49
N SER C 121 -1.72 -35.11 -14.57
CA SER C 121 -1.38 -36.51 -14.33
C SER C 121 -2.25 -37.38 -15.22
N ASP C 122 -1.74 -38.56 -15.58
CA ASP C 122 -2.50 -39.50 -16.37
C ASP C 122 -3.83 -39.82 -15.68
N GLU C 123 -3.81 -39.82 -14.35
CA GLU C 123 -5.00 -40.15 -13.56
CA GLU C 123 -4.97 -40.12 -13.52
C GLU C 123 -6.15 -39.17 -13.80
N GLN C 124 -5.85 -37.88 -13.81
CA GLN C 124 -6.87 -36.87 -14.05
C GLN C 124 -7.40 -36.98 -15.48
N LEU C 125 -6.50 -37.25 -16.43
CA LEU C 125 -6.84 -37.33 -17.84
C LEU C 125 -8.01 -38.28 -18.11
N LYS C 126 -8.04 -39.41 -17.39
CA LYS C 126 -9.16 -40.34 -17.43
C LYS C 126 -10.53 -39.66 -17.25
N SER C 127 -10.55 -38.52 -16.57
CA SER C 127 -11.81 -37.84 -16.27
C SER C 127 -12.28 -36.91 -17.40
N GLY C 128 -11.42 -36.69 -18.39
CA GLY C 128 -11.76 -35.81 -19.49
C GLY C 128 -11.35 -34.36 -19.31
N THR C 129 -10.58 -34.09 -18.26
CA THR C 129 -10.09 -32.74 -17.99
C THR C 129 -8.58 -32.75 -17.70
N ALA C 130 -7.87 -31.72 -18.14
CA ALA C 130 -6.47 -31.55 -17.76
C ALA C 130 -6.25 -30.25 -16.99
N SER C 131 -5.68 -30.35 -15.79
CA SER C 131 -5.23 -29.16 -15.06
C SER C 131 -3.73 -28.99 -15.22
N VAL C 132 -3.30 -27.84 -15.72
CA VAL C 132 -1.88 -27.55 -15.75
C VAL C 132 -1.58 -26.46 -14.73
N VAL C 133 -0.61 -26.71 -13.87
CA VAL C 133 -0.38 -25.82 -12.74
C VAL C 133 0.99 -25.17 -12.84
N CYS C 134 1.03 -23.89 -12.49
CA CYS C 134 2.27 -23.18 -12.41
C CYS C 134 2.44 -22.53 -11.04
N LEU C 135 3.60 -22.78 -10.42
CA LEU C 135 3.88 -22.29 -9.08
C LEU C 135 4.89 -21.15 -9.12
N LEU C 136 4.57 -20.06 -8.43
CA LEU C 136 5.53 -18.98 -8.20
C LEU C 136 5.82 -18.98 -6.70
N ASN C 137 7.05 -19.31 -6.33
CA ASN C 137 7.36 -19.53 -4.93
C ASN C 137 8.14 -18.41 -4.22
N ASN C 138 7.66 -18.07 -3.03
CA ASN C 138 8.37 -17.17 -2.11
C ASN C 138 8.88 -15.87 -2.71
N PHE C 139 7.98 -15.00 -3.15
CA PHE C 139 8.36 -13.74 -3.80
C PHE C 139 7.79 -12.54 -3.06
N TYR C 140 8.27 -11.36 -3.44
CA TYR C 140 7.80 -10.10 -2.88
C TYR C 140 8.20 -8.97 -3.83
N PRO C 141 7.29 -8.03 -4.09
CA PRO C 141 5.94 -7.92 -3.50
C PRO C 141 4.91 -8.80 -4.20
N ARG C 142 3.66 -8.61 -3.82
CA ARG C 142 2.59 -9.54 -4.15
C ARG C 142 2.24 -9.57 -5.63
N GLU C 143 2.43 -8.45 -6.33
CA GLU C 143 2.02 -8.36 -7.72
C GLU C 143 2.94 -9.09 -8.68
N ALA C 144 2.31 -9.90 -9.51
CA ALA C 144 3.02 -10.82 -10.39
C ALA C 144 2.06 -11.20 -11.50
N LYS C 145 2.59 -11.38 -12.70
CA LYS C 145 1.77 -11.77 -13.83
C LYS C 145 2.14 -13.17 -14.34
N VAL C 146 1.14 -14.05 -14.44
CA VAL C 146 1.32 -15.33 -15.08
C VAL C 146 0.56 -15.36 -16.40
N GLN C 147 1.28 -15.67 -17.48
CA GLN C 147 0.66 -15.88 -18.77
C GLN C 147 0.90 -17.29 -19.25
N TRP C 148 -0.17 -17.97 -19.65
CA TRP C 148 -0.10 -19.30 -20.23
C TRP C 148 -0.06 -19.22 -21.75
N LYS C 149 0.78 -20.05 -22.34
CA LYS C 149 0.89 -20.14 -23.79
C LYS C 149 0.83 -21.61 -24.15
N VAL C 150 -0.07 -21.94 -25.07
CA VAL C 150 -0.18 -23.31 -25.55
C VAL C 150 0.14 -23.30 -27.03
N ASP C 151 1.22 -23.99 -27.40
CA ASP C 151 1.80 -23.85 -28.74
C ASP C 151 1.89 -22.38 -29.14
N ASN C 152 2.32 -21.56 -28.20
CA ASN C 152 2.52 -20.12 -28.39
C ASN C 152 1.24 -19.26 -28.52
N ALA C 153 0.08 -19.88 -28.27
CA ALA C 153 -1.17 -19.13 -28.22
C ALA C 153 -1.43 -18.70 -26.78
N LEU C 154 -1.56 -17.39 -26.58
CA LEU C 154 -1.89 -16.83 -25.28
C LEU C 154 -3.26 -17.32 -24.79
N GLN C 155 -3.31 -17.94 -23.61
CA GLN C 155 -4.58 -18.42 -23.08
C GLN C 155 -5.24 -17.31 -22.28
N SER C 156 -6.56 -17.21 -22.44
CA SER C 156 -7.32 -16.19 -21.73
C SER C 156 -8.67 -16.77 -21.36
N GLY C 157 -9.04 -16.64 -20.09
CA GLY C 157 -10.35 -17.09 -19.63
C GLY C 157 -10.39 -18.49 -19.04
N ASN C 158 -9.32 -19.25 -19.19
CA ASN C 158 -9.27 -20.62 -18.68
C ASN C 158 -8.19 -20.87 -17.62
N SER C 159 -7.87 -19.82 -16.88
CA SER C 159 -6.97 -19.97 -15.76
C SER C 159 -7.50 -19.24 -14.50
N GLN C 160 -7.08 -19.72 -13.34
CA GLN C 160 -7.42 -19.12 -12.05
C GLN C 160 -6.19 -19.15 -11.17
N GLU C 161 -6.00 -18.09 -10.40
CA GLU C 161 -4.85 -17.96 -9.54
C GLU C 161 -5.26 -18.00 -8.09
N SER C 162 -4.31 -18.36 -7.23
CA SER C 162 -4.53 -18.33 -5.78
C SER C 162 -3.23 -17.91 -5.12
N VAL C 163 -3.32 -17.05 -4.13
CA VAL C 163 -2.14 -16.45 -3.52
C VAL C 163 -2.23 -16.65 -2.03
N THR C 164 -1.15 -17.16 -1.43
CA THR C 164 -1.08 -17.29 0.02
C THR C 164 -0.93 -15.92 0.64
N GLU C 165 -1.26 -15.80 1.92
CA GLU C 165 -0.95 -14.61 2.68
C GLU C 165 0.55 -14.57 2.95
N GLN C 166 1.01 -13.45 3.50
CA GLN C 166 2.43 -13.27 3.79
C GLN C 166 2.91 -14.32 4.78
N ASP C 167 4.03 -14.95 4.43
CA ASP C 167 4.57 -16.01 5.26
C ASP C 167 5.01 -15.45 6.61
N SER C 168 4.77 -16.18 7.68
CA SER C 168 5.02 -15.65 9.01
C SER C 168 6.51 -15.52 9.31
N LYS C 169 7.38 -16.19 8.55
CA LYS C 169 8.81 -16.15 8.82
C LYS C 169 9.60 -15.24 7.90
N ASP C 170 9.35 -15.35 6.59
CA ASP C 170 10.13 -14.60 5.59
C ASP C 170 9.35 -13.49 4.89
N SER C 171 8.05 -13.38 5.21
CA SER C 171 7.20 -12.33 4.65
C SER C 171 6.95 -12.37 3.12
N THR C 172 7.30 -13.47 2.46
CA THR C 172 7.02 -13.63 1.03
C THR C 172 5.60 -14.09 0.73
N TYR C 173 5.21 -13.99 -0.54
CA TYR C 173 3.97 -14.60 -1.02
C TYR C 173 4.33 -15.77 -1.90
N SER C 174 3.38 -16.67 -2.07
CA SER C 174 3.47 -17.68 -3.11
C SER C 174 2.15 -17.66 -3.87
N LEU C 175 2.20 -18.06 -5.13
CA LEU C 175 1.05 -18.06 -6.00
C LEU C 175 1.07 -19.34 -6.84
N SER C 176 -0.10 -19.93 -7.03
CA SER C 176 -0.27 -20.97 -8.02
C SER C 176 -1.36 -20.53 -9.01
N SER C 177 -1.05 -20.71 -10.28
CA SER C 177 -2.01 -20.48 -11.36
C SER C 177 -2.37 -21.85 -11.94
N THR C 178 -3.67 -22.10 -12.12
CA THR C 178 -4.14 -23.34 -12.71
C THR C 178 -4.84 -23.13 -14.06
N LEU C 179 -4.29 -23.72 -15.12
CA LEU C 179 -4.92 -23.71 -16.45
C LEU C 179 -5.79 -24.96 -16.64
N THR C 180 -7.06 -24.77 -16.96
CA THR C 180 -7.96 -25.90 -17.15
C THR C 180 -8.36 -26.07 -18.62
N LEU C 181 -8.11 -27.27 -19.15
CA LEU C 181 -8.40 -27.59 -20.54
C LEU C 181 -9.15 -28.91 -20.60
N SER C 182 -9.93 -29.10 -21.65
CA SER C 182 -10.51 -30.41 -21.92
C SER C 182 -9.38 -31.38 -22.28
N LYS C 183 -9.62 -32.68 -22.09
CA LYS C 183 -8.61 -33.66 -22.49
C LYS C 183 -8.32 -33.55 -23.98
N ALA C 184 -9.37 -33.35 -24.77
CA ALA C 184 -9.25 -33.23 -26.21
C ALA C 184 -8.28 -32.12 -26.58
N ASP C 185 -8.55 -30.91 -26.08
CA ASP C 185 -7.69 -29.77 -26.38
C ASP C 185 -6.26 -30.02 -25.94
N TYR C 186 -6.10 -30.60 -24.75
CA TYR C 186 -4.77 -30.88 -24.22
C TYR C 186 -4.00 -31.82 -25.13
N GLU C 187 -4.69 -32.86 -25.62
CA GLU C 187 -4.09 -33.83 -26.52
C GLU C 187 -3.75 -33.25 -27.89
N LYS C 188 -4.32 -32.10 -28.22
CA LYS C 188 -4.07 -31.52 -29.55
C LYS C 188 -2.86 -30.60 -29.63
N HIS C 189 -2.21 -30.36 -28.50
CA HIS C 189 -1.13 -29.39 -28.49
C HIS C 189 0.13 -29.94 -27.85
N LYS C 190 1.25 -29.23 -28.01
CA LYS C 190 2.51 -29.82 -27.57
C LYS C 190 3.22 -29.04 -26.47
N VAL C 191 3.49 -27.77 -26.75
CA VAL C 191 4.31 -26.94 -25.85
C VAL C 191 3.43 -26.20 -24.85
N TYR C 192 3.61 -26.51 -23.58
CA TYR C 192 2.87 -25.86 -22.51
C TYR C 192 3.80 -24.97 -21.71
N ALA C 193 3.51 -23.68 -21.70
CA ALA C 193 4.41 -22.71 -21.09
C ALA C 193 3.74 -21.80 -20.05
N CYS C 194 4.47 -21.57 -18.99
CA CYS C 194 4.09 -20.63 -17.96
C CYS C 194 5.13 -19.51 -17.99
N GLU C 195 4.71 -18.29 -18.34
CA GLU C 195 5.63 -17.15 -18.39
C GLU C 195 5.35 -16.15 -17.28
N VAL C 196 6.37 -15.85 -16.50
CA VAL C 196 6.18 -15.11 -15.26
C VAL C 196 6.88 -13.77 -15.35
N THR C 197 6.14 -12.72 -15.01
CA THR C 197 6.68 -11.37 -14.97
C THR C 197 6.53 -10.80 -13.55
N HIS C 198 7.61 -10.23 -13.02
CA HIS C 198 7.59 -9.73 -11.63
C HIS C 198 8.72 -8.72 -11.43
N GLN C 199 8.47 -7.74 -10.56
CA GLN C 199 9.45 -6.67 -10.28
C GLN C 199 10.89 -7.15 -9.97
N GLY C 200 11.02 -8.34 -9.40
CA GLY C 200 12.33 -8.86 -9.01
C GLY C 200 13.00 -9.63 -10.13
N LEU C 201 12.33 -9.70 -11.27
CA LEU C 201 12.94 -10.32 -12.44
C LEU C 201 13.33 -9.27 -13.47
N SER C 202 14.61 -9.27 -13.85
CA SER C 202 15.10 -8.36 -14.88
C SER C 202 14.38 -8.60 -16.21
N SER C 203 14.30 -9.86 -16.61
CA SER C 203 13.47 -10.26 -17.73
C SER C 203 12.55 -11.44 -17.34
N PRO C 204 11.44 -11.67 -18.07
CA PRO C 204 10.45 -12.69 -17.68
C PRO C 204 10.99 -14.11 -17.65
N VAL C 205 10.52 -14.89 -16.69
CA VAL C 205 10.91 -16.28 -16.64
C VAL C 205 9.87 -17.23 -17.26
N THR C 206 10.35 -18.15 -18.09
CA THR C 206 9.46 -19.15 -18.69
C THR C 206 9.81 -20.59 -18.30
N LYS C 207 8.81 -21.35 -17.85
CA LYS C 207 8.98 -22.79 -17.61
C LYS C 207 8.03 -23.56 -18.51
N SER C 208 8.50 -24.65 -19.09
CA SER C 208 7.64 -25.40 -20.00
C SER C 208 7.93 -26.88 -20.05
N PHE C 209 7.00 -27.60 -20.66
CA PHE C 209 7.18 -29.02 -20.87
C PHE C 209 6.51 -29.36 -22.19
N ASN C 210 6.92 -30.47 -22.79
CA ASN C 210 6.26 -30.99 -23.97
C ASN C 210 5.37 -32.15 -23.55
N ARG C 211 4.09 -32.08 -23.85
CA ARG C 211 3.18 -33.15 -23.57
C ARG C 211 3.73 -34.43 -24.14
N GLY C 212 3.74 -35.47 -23.30
CA GLY C 212 4.39 -36.72 -23.64
C GLY C 212 5.90 -36.57 -23.46
N ALA C 213 6.30 -36.16 -22.26
CA ALA C 213 7.68 -35.72 -21.91
C ALA C 213 8.70 -35.76 -23.03
N GLN D 1 -5.29 -28.31 30.01
CA GLN D 1 -5.55 -26.87 29.89
C GLN D 1 -6.96 -26.61 29.35
N VAL D 2 -7.37 -25.35 29.32
CA VAL D 2 -8.70 -24.97 28.81
C VAL D 2 -8.83 -25.10 27.29
N GLN D 3 -9.84 -25.84 26.84
CA GLN D 3 -10.06 -26.09 25.42
C GLN D 3 -11.54 -26.19 25.03
N LEU D 4 -11.87 -25.67 23.85
CA LEU D 4 -13.21 -25.79 23.30
C LEU D 4 -13.10 -26.37 21.90
N LYS D 5 -13.74 -27.51 21.68
CA LYS D 5 -13.70 -28.20 20.38
C LYS D 5 -15.09 -28.32 19.81
N GLN D 6 -15.26 -27.81 18.60
CA GLN D 6 -16.56 -27.77 17.96
C GLN D 6 -16.74 -28.95 17.02
N SER D 7 -17.98 -29.36 16.81
CA SER D 7 -18.26 -30.43 15.85
C SER D 7 -17.89 -30.00 14.43
N GLY D 8 -17.74 -30.99 13.54
CA GLY D 8 -17.26 -30.74 12.18
C GLY D 8 -18.00 -29.74 11.29
N PRO D 9 -17.28 -29.18 10.29
CA PRO D 9 -17.84 -28.25 9.30
C PRO D 9 -18.85 -28.91 8.35
N GLY D 10 -19.70 -28.10 7.75
CA GLY D 10 -20.65 -28.65 6.81
C GLY D 10 -21.66 -27.73 6.19
N LEU D 11 -22.56 -28.38 5.47
CA LEU D 11 -23.52 -27.76 4.60
C LEU D 11 -24.90 -27.71 5.27
N VAL D 12 -25.61 -26.62 5.08
CA VAL D 12 -27.00 -26.47 5.52
C VAL D 12 -27.87 -25.98 4.36
N GLN D 13 -28.95 -26.70 4.05
CA GLN D 13 -29.86 -26.29 2.97
C GLN D 13 -30.58 -25.04 3.41
N PRO D 14 -30.90 -24.15 2.47
CA PRO D 14 -31.63 -22.92 2.82
C PRO D 14 -32.97 -23.21 3.50
N SER D 15 -33.28 -22.41 4.52
CA SER D 15 -34.46 -22.56 5.38
C SER D 15 -34.31 -23.66 6.44
N GLN D 16 -33.30 -24.50 6.31
CA GLN D 16 -33.05 -25.53 7.33
C GLN D 16 -32.25 -25.00 8.50
N SER D 17 -31.98 -25.85 9.49
CA SER D 17 -31.38 -25.41 10.74
C SER D 17 -29.92 -25.82 10.85
N LEU D 18 -29.14 -25.01 11.55
CA LEU D 18 -27.74 -25.31 11.81
C LEU D 18 -27.54 -25.78 13.25
N SER D 19 -26.89 -26.92 13.45
CA SER D 19 -26.60 -27.41 14.80
C SER D 19 -25.11 -27.69 15.01
N ILE D 20 -24.54 -27.05 16.03
CA ILE D 20 -23.12 -27.19 16.36
C ILE D 20 -22.93 -27.58 17.82
N THR D 21 -22.04 -28.53 18.07
CA THR D 21 -21.76 -28.95 19.43
C THR D 21 -20.42 -28.41 19.90
N CYS D 22 -20.41 -27.76 21.07
CA CYS D 22 -19.18 -27.28 21.68
C CYS D 22 -18.84 -28.14 22.89
N THR D 23 -17.83 -28.99 22.74
CA THR D 23 -17.37 -29.84 23.83
C THR D 23 -16.23 -29.10 24.51
N VAL D 24 -16.27 -29.00 25.84
CA VAL D 24 -15.22 -28.26 26.55
C VAL D 24 -14.45 -29.14 27.53
N SER D 25 -13.25 -28.70 27.87
CA SER D 25 -12.40 -29.41 28.84
C SER D 25 -11.49 -28.42 29.56
N GLY D 26 -11.06 -28.78 30.77
CA GLY D 26 -10.14 -27.94 31.52
C GLY D 26 -10.86 -26.97 32.41
N PHE D 27 -12.19 -27.02 32.37
CA PHE D 27 -13.05 -26.23 33.23
C PHE D 27 -14.46 -26.80 33.18
N SER D 28 -15.28 -26.45 34.15
CA SER D 28 -16.64 -26.97 34.18
C SER D 28 -17.67 -25.97 33.67
N LEU D 29 -18.66 -26.47 32.92
CA LEU D 29 -19.77 -25.63 32.46
C LEU D 29 -20.57 -25.06 33.63
N THR D 30 -20.47 -25.70 34.79
CA THR D 30 -21.16 -25.20 35.98
C THR D 30 -20.52 -23.92 36.51
N ASN D 31 -19.30 -23.63 36.04
CA ASN D 31 -18.57 -22.46 36.51
C ASN D 31 -18.42 -21.27 35.55
N TYR D 32 -18.46 -21.52 34.25
CA TYR D 32 -18.36 -20.44 33.25
C TYR D 32 -19.49 -20.49 32.21
N GLY D 33 -19.92 -19.33 31.75
CA GLY D 33 -20.83 -19.29 30.63
C GLY D 33 -20.05 -19.58 29.36
N VAL D 34 -20.75 -20.03 28.32
CA VAL D 34 -20.13 -20.20 27.02
C VAL D 34 -20.86 -19.34 26.00
N HIS D 35 -20.10 -18.57 25.24
CA HIS D 35 -20.66 -17.62 24.27
C HIS D 35 -20.56 -18.16 22.87
N TRP D 36 -21.31 -17.57 21.96
CA TRP D 36 -21.18 -17.90 20.55
C TRP D 36 -21.02 -16.63 19.73
N VAL D 37 -19.97 -16.62 18.92
CA VAL D 37 -19.67 -15.52 18.04
C VAL D 37 -19.65 -16.10 16.62
N ARG D 38 -20.03 -15.30 15.64
CA ARG D 38 -19.81 -15.73 14.26
C ARG D 38 -19.06 -14.66 13.46
N GLN D 39 -18.45 -15.08 12.37
CA GLN D 39 -17.66 -14.17 11.56
C GLN D 39 -18.09 -14.33 10.10
N SER D 40 -18.76 -13.31 9.56
CA SER D 40 -19.33 -13.43 8.22
C SER D 40 -18.81 -12.36 7.28
N PRO D 41 -18.89 -12.62 5.97
CA PRO D 41 -18.56 -11.63 4.94
C PRO D 41 -19.40 -10.38 5.11
N GLY D 42 -20.70 -10.56 5.35
CA GLY D 42 -21.61 -9.44 5.48
C GLY D 42 -21.46 -8.56 6.71
N LYS D 43 -21.07 -9.14 7.85
CA LYS D 43 -21.11 -8.40 9.11
C LYS D 43 -19.90 -8.55 10.00
N GLY D 44 -18.88 -9.24 9.50
CA GLY D 44 -17.68 -9.50 10.29
C GLY D 44 -17.99 -10.23 11.59
N LEU D 45 -17.25 -9.88 12.64
CA LEU D 45 -17.43 -10.45 13.97
C LEU D 45 -18.72 -9.99 14.63
N GLU D 46 -19.54 -10.96 15.02
CA GLU D 46 -20.88 -10.70 15.53
C GLU D 46 -21.18 -11.65 16.72
N TRP D 47 -21.41 -11.06 17.89
CA TRP D 47 -21.75 -11.85 19.09
C TRP D 47 -23.17 -12.38 18.99
N LEU D 48 -23.32 -13.68 19.13
CA LEU D 48 -24.63 -14.29 18.91
C LEU D 48 -25.43 -14.46 20.18
N GLY D 49 -24.78 -15.04 21.19
CA GLY D 49 -25.43 -15.26 22.46
C GLY D 49 -24.53 -15.97 23.43
N VAL D 50 -25.10 -16.31 24.59
CA VAL D 50 -24.35 -16.94 25.68
C VAL D 50 -25.29 -17.86 26.47
N ILE D 51 -24.77 -18.99 26.95
CA ILE D 51 -25.49 -19.71 27.99
C ILE D 51 -24.66 -19.66 29.28
N TRP D 52 -25.27 -19.18 30.35
CA TRP D 52 -24.52 -18.92 31.59
C TRP D 52 -24.40 -20.16 32.48
N SER D 53 -23.56 -20.06 33.51
CA SER D 53 -23.28 -21.17 34.40
C SER D 53 -24.53 -21.89 34.88
N GLY D 54 -25.56 -21.11 35.22
CA GLY D 54 -26.80 -21.65 35.75
C GLY D 54 -27.88 -21.99 34.72
N GLY D 55 -27.55 -21.95 33.44
CA GLY D 55 -28.45 -22.40 32.41
C GLY D 55 -29.25 -21.32 31.71
N ASN D 56 -29.19 -20.10 32.22
CA ASN D 56 -29.84 -18.98 31.55
C ASN D 56 -29.18 -18.71 30.21
N THR D 57 -29.92 -18.08 29.31
CA THR D 57 -29.41 -17.72 28.00
C THR D 57 -29.75 -16.27 27.67
N ASP D 58 -28.86 -15.63 26.91
CA ASP D 58 -29.14 -14.33 26.31
C ASP D 58 -28.84 -14.45 24.83
N TYR D 59 -29.71 -13.88 24.00
CA TYR D 59 -29.45 -13.84 22.56
C TYR D 59 -29.41 -12.41 22.10
N ASN D 60 -28.47 -12.12 21.20
CA ASN D 60 -28.41 -10.83 20.55
C ASN D 60 -29.73 -10.57 19.80
N THR D 61 -30.19 -9.32 19.83
CA THR D 61 -31.51 -8.94 19.30
C THR D 61 -31.95 -9.64 17.99
N PRO D 62 -31.12 -9.58 16.92
CA PRO D 62 -31.53 -10.17 15.63
C PRO D 62 -31.65 -11.70 15.60
N PHE D 63 -31.45 -12.37 16.73
CA PHE D 63 -31.42 -13.82 16.72
C PHE D 63 -32.40 -14.44 17.72
N THR D 64 -33.00 -13.58 18.53
CA THR D 64 -33.87 -13.97 19.64
C THR D 64 -34.92 -15.02 19.30
N SER D 65 -35.47 -14.95 18.09
CA SER D 65 -36.54 -15.84 17.68
C SER D 65 -36.06 -17.08 16.92
N ARG D 66 -34.80 -17.09 16.49
CA ARG D 66 -34.34 -18.25 15.74
C ARG D 66 -33.15 -18.98 16.35
N LEU D 67 -32.70 -18.49 17.50
CA LEU D 67 -31.53 -19.08 18.14
C LEU D 67 -31.87 -19.79 19.44
N SER D 68 -31.32 -20.99 19.62
CA SER D 68 -31.45 -21.70 20.88
C SER D 68 -30.11 -22.26 21.32
N ILE D 69 -29.77 -22.02 22.58
CA ILE D 69 -28.53 -22.55 23.13
C ILE D 69 -28.87 -23.36 24.36
N ASN D 70 -28.40 -24.61 24.39
CA ASN D 70 -28.57 -25.49 25.54
C ASN D 70 -27.26 -26.18 25.91
N LYS D 71 -27.27 -26.92 27.01
CA LYS D 71 -26.07 -27.64 27.42
C LYS D 71 -26.36 -28.83 28.32
N ASP D 72 -25.32 -29.62 28.54
CA ASP D 72 -25.37 -30.76 29.42
C ASP D 72 -24.10 -30.70 30.25
N ASN D 73 -24.22 -30.28 31.51
CA ASN D 73 -23.05 -30.05 32.36
C ASN D 73 -22.19 -31.29 32.56
N SER D 74 -22.84 -32.44 32.71
CA SER D 74 -22.12 -33.70 32.97
C SER D 74 -21.26 -34.12 31.78
N LYS D 75 -21.75 -33.86 30.57
CA LYS D 75 -21.01 -34.24 29.38
C LYS D 75 -20.08 -33.13 28.85
N SER D 76 -20.07 -31.99 29.54
CA SER D 76 -19.27 -30.84 29.12
C SER D 76 -19.56 -30.40 27.68
N GLN D 77 -20.81 -30.53 27.25
CA GLN D 77 -21.21 -30.11 25.91
C GLN D 77 -22.17 -28.92 25.91
N VAL D 78 -22.03 -28.05 24.92
CA VAL D 78 -22.96 -26.95 24.71
C VAL D 78 -23.56 -27.06 23.32
N PHE D 79 -24.88 -26.88 23.21
CA PHE D 79 -25.59 -27.12 21.96
C PHE D 79 -26.16 -25.84 21.36
N PHE D 80 -25.74 -25.54 20.14
CA PHE D 80 -26.11 -24.33 19.43
C PHE D 80 -27.01 -24.72 18.27
N LYS D 81 -28.17 -24.06 18.17
CA LYS D 81 -29.09 -24.34 17.08
C LYS D 81 -29.75 -23.05 16.57
N MET D 82 -29.64 -22.81 15.27
CA MET D 82 -30.22 -21.64 14.63
C MET D 82 -31.12 -22.04 13.45
N ASN D 83 -32.28 -21.40 13.35
CA ASN D 83 -33.32 -21.80 12.39
C ASN D 83 -33.35 -20.94 11.14
N SER D 84 -33.96 -21.49 10.08
CA SER D 84 -34.17 -20.76 8.83
CA SER D 84 -34.17 -20.76 8.83
C SER D 84 -32.93 -20.02 8.34
N LEU D 85 -31.87 -20.77 8.05
CA LEU D 85 -30.66 -20.13 7.54
C LEU D 85 -30.86 -19.67 6.10
N GLN D 86 -30.26 -18.53 5.79
CA GLN D 86 -30.25 -18.03 4.41
C GLN D 86 -28.80 -17.96 3.95
N SER D 87 -28.63 -17.59 2.68
N SER D 87 -28.63 -17.60 2.67
CA SER D 87 -27.31 -17.52 2.07
CA SER D 87 -27.30 -17.51 2.08
C SER D 87 -26.34 -16.68 2.90
C SER D 87 -26.35 -16.68 2.92
N ASN D 88 -26.81 -15.52 3.37
CA ASN D 88 -25.94 -14.63 4.14
C ASN D 88 -25.67 -15.03 5.60
N ASP D 89 -26.10 -16.24 5.98
CA ASP D 89 -25.75 -16.80 7.27
C ASP D 89 -24.52 -17.71 7.10
N THR D 90 -24.04 -17.76 5.88
CA THR D 90 -22.82 -18.49 5.58
C THR D 90 -21.68 -17.78 6.32
N ALA D 91 -20.97 -18.53 7.16
CA ALA D 91 -20.02 -17.92 8.08
C ALA D 91 -19.23 -18.94 8.90
N ILE D 92 -18.26 -18.43 9.67
CA ILE D 92 -17.57 -19.23 10.65
C ILE D 92 -18.23 -19.00 12.00
N TYR D 93 -18.62 -20.10 12.65
CA TYR D 93 -19.28 -20.04 13.95
C TYR D 93 -18.35 -20.53 15.03
N TYR D 94 -18.15 -19.69 16.05
CA TYR D 94 -17.27 -20.03 17.15
C TYR D 94 -18.06 -20.17 18.46
N CYS D 95 -17.63 -21.10 19.30
CA CYS D 95 -17.98 -21.05 20.71
C CYS D 95 -16.76 -20.46 21.44
N ALA D 96 -16.98 -19.76 22.56
CA ALA D 96 -15.87 -19.11 23.25
C ALA D 96 -16.12 -18.97 24.74
N ARG D 97 -15.04 -18.88 25.52
CA ARG D 97 -15.13 -18.69 26.95
C ARG D 97 -14.36 -17.46 27.39
N ALA D 98 -14.94 -16.70 28.32
CA ALA D 98 -14.30 -15.50 28.85
C ALA D 98 -13.37 -15.86 29.98
N LEU D 99 -12.53 -14.90 30.39
CA LEU D 99 -11.61 -15.08 31.52
C LEU D 99 -12.34 -15.29 32.84
N THR D 100 -13.27 -14.41 33.14
CA THR D 100 -14.03 -14.51 34.37
C THR D 100 -15.44 -14.96 34.02
N TYR D 101 -16.08 -15.66 34.95
CA TYR D 101 -17.35 -16.33 34.70
C TYR D 101 -18.45 -15.43 34.13
N TYR D 102 -18.40 -14.13 34.47
CA TYR D 102 -19.50 -13.22 34.18
C TYR D 102 -19.19 -12.24 33.03
N ASP D 103 -17.96 -12.25 32.54
CA ASP D 103 -17.47 -11.21 31.63
C ASP D 103 -17.53 -11.60 30.15
N TYR D 104 -17.02 -10.71 29.28
CA TYR D 104 -17.06 -10.96 27.85
C TYR D 104 -15.69 -10.82 27.17
N GLU D 105 -14.61 -10.99 27.94
CA GLU D 105 -13.28 -10.94 27.33
C GLU D 105 -12.85 -12.36 26.97
N PHE D 106 -12.95 -12.68 25.68
CA PHE D 106 -12.85 -14.05 25.21
C PHE D 106 -11.40 -14.53 25.09
N ALA D 107 -10.92 -15.14 26.16
CA ALA D 107 -9.56 -15.64 26.22
C ALA D 107 -9.41 -16.98 25.52
N TYR D 108 -10.49 -17.74 25.40
CA TYR D 108 -10.41 -19.09 24.83
C TYR D 108 -11.45 -19.31 23.75
N TRP D 109 -11.01 -19.76 22.58
CA TRP D 109 -11.93 -19.98 21.47
C TRP D 109 -11.96 -21.41 20.98
N GLY D 110 -13.08 -21.81 20.37
CA GLY D 110 -13.15 -23.05 19.63
C GLY D 110 -12.37 -22.88 18.34
N GLN D 111 -12.16 -23.96 17.59
CA GLN D 111 -11.45 -23.84 16.31
C GLN D 111 -12.31 -23.20 15.25
N GLY D 112 -13.62 -23.12 15.51
CA GLY D 112 -14.56 -22.53 14.57
C GLY D 112 -15.11 -23.54 13.56
N THR D 113 -16.35 -23.35 13.15
CA THR D 113 -16.99 -24.26 12.21
C THR D 113 -17.47 -23.50 10.99
N LEU D 114 -16.92 -23.84 9.82
CA LEU D 114 -17.31 -23.18 8.59
C LEU D 114 -18.64 -23.74 8.13
N VAL D 115 -19.62 -22.87 8.01
CA VAL D 115 -20.97 -23.27 7.64
C VAL D 115 -21.34 -22.67 6.29
N THR D 116 -21.64 -23.53 5.33
CA THR D 116 -22.06 -23.06 4.02
C THR D 116 -23.55 -23.28 3.87
N VAL D 117 -24.26 -22.22 3.52
CA VAL D 117 -25.68 -22.34 3.21
C VAL D 117 -25.87 -22.43 1.69
N SER D 118 -26.35 -23.59 1.24
CA SER D 118 -26.45 -23.89 -0.20
C SER D 118 -27.41 -25.04 -0.47
N ALA D 119 -28.06 -25.03 -1.63
CA ALA D 119 -28.95 -26.14 -2.00
C ALA D 119 -28.19 -27.31 -2.64
N ALA D 120 -26.92 -27.07 -2.94
CA ALA D 120 -26.07 -28.00 -3.66
C ALA D 120 -25.68 -29.24 -2.85
N SER D 121 -25.21 -30.26 -3.55
CA SER D 121 -24.87 -31.53 -2.93
C SER D 121 -23.44 -31.53 -2.43
N THR D 122 -23.19 -32.30 -1.39
CA THR D 122 -21.83 -32.53 -0.92
C THR D 122 -21.09 -33.35 -1.98
N LYS D 123 -19.83 -33.03 -2.22
CA LYS D 123 -18.99 -33.85 -3.09
C LYS D 123 -17.54 -33.91 -2.62
N GLY D 124 -17.00 -35.13 -2.53
CA GLY D 124 -15.61 -35.32 -2.16
C GLY D 124 -14.70 -34.98 -3.31
N PRO D 125 -13.44 -34.63 -3.00
CA PRO D 125 -12.48 -34.22 -4.03
C PRO D 125 -11.75 -35.39 -4.65
N SER D 126 -11.21 -35.19 -5.83
CA SER D 126 -10.19 -36.10 -6.38
C SER D 126 -8.84 -35.47 -6.11
N VAL D 127 -7.86 -36.33 -5.83
CA VAL D 127 -6.53 -35.84 -5.47
C VAL D 127 -5.51 -36.29 -6.52
N PHE D 128 -4.84 -35.33 -7.13
CA PHE D 128 -3.91 -35.60 -8.21
C PHE D 128 -2.52 -35.10 -7.83
N PRO D 129 -1.48 -35.77 -8.32
CA PRO D 129 -0.11 -35.37 -7.97
C PRO D 129 0.37 -34.19 -8.79
N LEU D 130 1.07 -33.27 -8.14
CA LEU D 130 1.84 -32.26 -8.83
C LEU D 130 3.29 -32.69 -8.78
N ALA D 131 3.71 -33.37 -9.84
CA ALA D 131 5.00 -34.04 -9.90
C ALA D 131 6.00 -33.34 -10.81
N PRO D 132 7.24 -33.21 -10.34
CA PRO D 132 8.36 -32.62 -11.10
C PRO D 132 9.08 -33.61 -12.00
N SER D 133 10.18 -33.12 -12.56
CA SER D 133 11.29 -33.88 -13.15
C SER D 133 12.31 -32.84 -13.67
N SER D 134 13.49 -33.28 -14.07
CA SER D 134 14.52 -32.37 -14.61
C SER D 134 15.49 -33.12 -15.51
N GLY D 139 16.86 -29.22 -9.94
CA GLY D 139 18.29 -28.95 -9.99
C GLY D 139 18.87 -28.97 -8.59
N GLY D 140 18.68 -27.88 -7.85
CA GLY D 140 18.90 -27.90 -6.42
C GLY D 140 17.58 -28.29 -5.76
N THR D 141 16.62 -27.39 -5.85
CA THR D 141 15.35 -27.55 -5.15
C THR D 141 14.29 -28.09 -6.10
N ALA D 142 13.46 -29.00 -5.60
CA ALA D 142 12.32 -29.47 -6.38
C ALA D 142 11.01 -29.05 -5.70
N ALA D 143 10.01 -28.70 -6.50
CA ALA D 143 8.69 -28.50 -5.95
C ALA D 143 7.84 -29.70 -6.28
N LEU D 144 7.03 -30.13 -5.33
CA LEU D 144 6.00 -31.08 -5.66
C LEU D 144 4.75 -30.71 -4.90
N GLY D 145 3.64 -31.33 -5.27
CA GLY D 145 2.39 -30.99 -4.61
C GLY D 145 1.21 -31.87 -4.91
N CYS D 146 0.06 -31.46 -4.38
CA CYS D 146 -1.21 -32.15 -4.56
C CYS D 146 -2.28 -31.19 -5.05
N LEU D 147 -3.01 -31.61 -6.07
CA LEU D 147 -4.15 -30.86 -6.58
C LEU D 147 -5.40 -31.49 -6.01
N VAL D 148 -6.12 -30.73 -5.21
CA VAL D 148 -7.32 -31.25 -4.58
C VAL D 148 -8.52 -30.69 -5.32
N LYS D 149 -9.11 -31.52 -6.20
CA LYS D 149 -10.05 -31.03 -7.19
C LYS D 149 -11.52 -31.43 -7.02
N ASP D 150 -12.40 -30.47 -7.28
CA ASP D 150 -13.85 -30.69 -7.42
C ASP D 150 -14.53 -31.18 -6.15
N TYR D 151 -14.51 -30.37 -5.10
CA TYR D 151 -15.17 -30.73 -3.85
C TYR D 151 -16.12 -29.62 -3.42
N PHE D 152 -17.13 -30.00 -2.65
CA PHE D 152 -18.05 -29.05 -2.08
C PHE D 152 -18.67 -29.65 -0.80
N PRO D 153 -18.82 -28.83 0.24
CA PRO D 153 -18.40 -27.43 0.30
C PRO D 153 -17.02 -27.36 0.93
N GLU D 154 -16.55 -26.15 1.20
CA GLU D 154 -15.33 -25.99 1.97
C GLU D 154 -15.64 -26.46 3.39
N PRO D 155 -14.58 -26.80 4.17
CA PRO D 155 -13.18 -26.79 3.79
C PRO D 155 -12.63 -28.19 3.58
N VAL D 156 -11.38 -28.23 3.15
CA VAL D 156 -10.63 -29.46 3.13
C VAL D 156 -9.34 -29.17 3.87
N THR D 157 -8.78 -30.15 4.61
CA THR D 157 -7.46 -29.95 5.19
C THR D 157 -6.38 -30.77 4.49
N VAL D 158 -5.17 -30.22 4.43
CA VAL D 158 -4.04 -30.92 3.85
C VAL D 158 -2.82 -30.81 4.74
N SER D 159 -2.16 -31.95 4.99
CA SER D 159 -0.87 -31.97 5.66
C SER D 159 0.07 -32.81 4.83
N TRP D 160 1.32 -32.87 5.25
CA TRP D 160 2.33 -33.65 4.54
C TRP D 160 3.09 -34.57 5.48
N ASN D 161 3.27 -35.83 5.06
CA ASN D 161 3.91 -36.86 5.87
C ASN D 161 3.35 -36.89 7.28
N SER D 162 2.03 -36.89 7.38
CA SER D 162 1.33 -36.93 8.66
C SER D 162 1.70 -35.82 9.64
N GLY D 163 2.13 -34.68 9.11
CA GLY D 163 2.43 -33.54 9.95
C GLY D 163 3.90 -33.34 10.23
N ALA D 164 4.71 -34.35 9.92
CA ALA D 164 6.15 -34.31 10.16
C ALA D 164 6.83 -33.30 9.25
N LEU D 165 6.25 -33.05 8.09
CA LEU D 165 6.82 -32.13 7.10
C LEU D 165 6.03 -30.83 7.08
N THR D 166 6.65 -29.74 7.53
CA THR D 166 5.97 -28.45 7.56
C THR D 166 6.73 -27.34 6.86
N SER D 167 8.06 -27.39 6.91
CA SER D 167 8.83 -26.32 6.31
C SER D 167 8.79 -26.42 4.79
N GLY D 168 8.53 -25.27 4.15
CA GLY D 168 8.44 -25.17 2.72
C GLY D 168 7.08 -25.52 2.16
N VAL D 169 6.11 -25.76 3.05
CA VAL D 169 4.76 -26.13 2.64
C VAL D 169 3.90 -24.88 2.44
N HIS D 170 3.23 -24.79 1.30
CA HIS D 170 2.23 -23.75 1.08
C HIS D 170 0.92 -24.39 0.68
N THR D 171 -0.11 -24.22 1.51
CA THR D 171 -1.42 -24.69 1.11
C THR D 171 -2.20 -23.45 0.67
N PHE D 172 -2.52 -23.40 -0.62
CA PHE D 172 -3.20 -22.24 -1.19
C PHE D 172 -4.67 -22.12 -0.75
N PRO D 173 -5.20 -20.89 -0.72
CA PRO D 173 -6.63 -20.74 -0.49
C PRO D 173 -7.38 -21.43 -1.62
N ALA D 174 -8.50 -22.07 -1.33
CA ALA D 174 -9.35 -22.69 -2.36
C ALA D 174 -9.89 -21.65 -3.35
N VAL D 175 -10.08 -22.07 -4.59
CA VAL D 175 -10.78 -21.25 -5.56
C VAL D 175 -12.11 -21.89 -5.94
N LEU D 176 -13.13 -21.04 -6.04
CA LEU D 176 -14.43 -21.47 -6.54
C LEU D 176 -14.36 -21.57 -8.06
N GLN D 177 -14.54 -22.77 -8.59
CA GLN D 177 -14.54 -23.00 -10.03
C GLN D 177 -15.88 -22.63 -10.62
N SER D 178 -15.91 -22.35 -11.92
CA SER D 178 -17.13 -21.93 -12.58
C SER D 178 -18.22 -23.00 -12.47
N SER D 179 -17.81 -24.24 -12.23
CA SER D 179 -18.74 -25.34 -12.03
C SER D 179 -19.41 -25.29 -10.66
N GLY D 180 -18.99 -24.37 -9.79
CA GLY D 180 -19.51 -24.29 -8.43
C GLY D 180 -18.82 -25.24 -7.46
N LEU D 181 -17.82 -25.97 -7.93
CA LEU D 181 -17.05 -26.85 -7.07
C LEU D 181 -15.72 -26.19 -6.74
N TYR D 182 -15.20 -26.46 -5.54
CA TYR D 182 -13.90 -25.90 -5.14
C TYR D 182 -12.71 -26.69 -5.63
N SER D 183 -11.56 -26.03 -5.62
CA SER D 183 -10.31 -26.65 -5.98
C SER D 183 -9.20 -25.99 -5.17
N LEU D 184 -8.17 -26.78 -4.87
CA LEU D 184 -7.11 -26.34 -3.98
C LEU D 184 -5.80 -27.04 -4.32
N SER D 185 -4.69 -26.33 -4.19
CA SER D 185 -3.38 -26.94 -4.38
C SER D 185 -2.53 -26.71 -3.14
N SER D 186 -1.72 -27.72 -2.82
CA SER D 186 -0.77 -27.63 -1.73
C SER D 186 0.56 -28.09 -2.24
N VAL D 187 1.60 -27.29 -2.01
CA VAL D 187 2.92 -27.59 -2.53
C VAL D 187 3.99 -27.55 -1.44
N VAL D 188 5.11 -28.19 -1.72
CA VAL D 188 6.24 -28.12 -0.80
C VAL D 188 7.52 -28.16 -1.64
N THR D 189 8.55 -27.46 -1.19
CA THR D 189 9.83 -27.54 -1.86
C THR D 189 10.80 -28.42 -1.06
N VAL D 190 11.46 -29.33 -1.76
CA VAL D 190 12.35 -30.26 -1.13
C VAL D 190 13.68 -30.37 -1.91
N PRO D 191 14.73 -30.88 -1.27
CA PRO D 191 15.99 -31.16 -1.96
C PRO D 191 15.76 -32.20 -3.04
N SER D 192 16.08 -31.90 -4.28
CA SER D 192 15.83 -32.86 -5.34
C SER D 192 16.60 -34.17 -5.14
N SER D 193 17.70 -34.13 -4.38
CA SER D 193 18.47 -35.35 -4.14
C SER D 193 17.75 -36.33 -3.21
N SER D 194 16.62 -35.93 -2.65
CA SER D 194 15.89 -36.78 -1.72
C SER D 194 14.64 -37.41 -2.37
N LEU D 195 14.34 -37.03 -3.60
CA LEU D 195 13.17 -37.58 -4.32
C LEU D 195 13.20 -39.10 -4.48
N GLY D 196 14.40 -39.68 -4.45
CA GLY D 196 14.57 -41.12 -4.53
C GLY D 196 14.29 -41.85 -3.23
N THR D 197 14.96 -41.43 -2.15
CA THR D 197 14.89 -42.14 -0.87
C THR D 197 13.74 -41.76 0.06
N GLN D 198 13.35 -40.49 0.03
CA GLN D 198 12.33 -39.97 0.94
C GLN D 198 10.93 -40.01 0.33
N THR D 199 9.93 -40.47 1.07
CA THR D 199 8.58 -40.44 0.52
C THR D 199 7.82 -39.22 1.00
N TYR D 200 7.10 -38.61 0.06
CA TYR D 200 6.31 -37.42 0.34
C TYR D 200 4.86 -37.74 0.07
N ILE D 201 4.05 -37.51 1.09
CA ILE D 201 2.66 -37.91 1.05
C ILE D 201 1.80 -36.72 1.46
N CYS D 202 0.78 -36.43 0.68
CA CYS D 202 -0.12 -35.41 1.15
C CYS D 202 -1.32 -36.09 1.78
N ASN D 203 -1.73 -35.60 2.93
CA ASN D 203 -2.88 -36.16 3.62
C ASN D 203 -4.06 -35.24 3.43
N VAL D 204 -5.02 -35.69 2.64
CA VAL D 204 -6.17 -34.86 2.35
C VAL D 204 -7.37 -35.39 3.06
N ASN D 205 -8.09 -34.50 3.73
CA ASN D 205 -9.29 -34.85 4.47
C ASN D 205 -10.36 -33.82 4.17
N HIS D 206 -11.40 -34.26 3.48
CA HIS D 206 -12.58 -33.45 3.26
C HIS D 206 -13.65 -34.01 4.17
N LYS D 207 -13.81 -33.40 5.35
CA LYS D 207 -14.76 -33.88 6.34
C LYS D 207 -16.23 -33.92 5.87
N PRO D 208 -16.73 -32.86 5.20
CA PRO D 208 -18.16 -32.88 4.86
C PRO D 208 -18.61 -34.12 4.10
N SER D 209 -17.67 -34.85 3.52
CA SER D 209 -18.01 -36.01 2.70
C SER D 209 -17.30 -37.25 3.25
N ASN D 210 -16.68 -37.11 4.41
CA ASN D 210 -15.86 -38.17 4.98
C ASN D 210 -14.91 -38.79 3.98
N THR D 211 -14.25 -37.96 3.18
CA THR D 211 -13.27 -38.46 2.22
C THR D 211 -11.88 -38.19 2.76
N LYS D 212 -11.13 -39.27 3.00
CA LYS D 212 -9.73 -39.16 3.36
C LYS D 212 -8.86 -39.82 2.30
N VAL D 213 -7.81 -39.10 1.88
CA VAL D 213 -6.88 -39.61 0.88
C VAL D 213 -5.44 -39.32 1.28
N ASP D 214 -4.61 -40.36 1.32
CA ASP D 214 -3.17 -40.19 1.38
C ASP D 214 -2.59 -40.46 0.00
N LYS D 215 -1.95 -39.45 -0.58
CA LYS D 215 -1.41 -39.54 -1.92
C LYS D 215 0.09 -39.33 -1.90
N ARG D 216 0.82 -40.29 -2.47
CA ARG D 216 2.25 -40.14 -2.62
C ARG D 216 2.51 -39.35 -3.89
N VAL D 217 3.51 -38.47 -3.84
CA VAL D 217 3.85 -37.66 -4.99
C VAL D 217 5.32 -37.82 -5.29
N GLU D 218 5.64 -38.39 -6.46
CA GLU D 218 7.03 -38.61 -6.84
C GLU D 218 7.18 -38.22 -8.30
N PRO D 219 8.41 -38.00 -8.76
CA PRO D 219 8.55 -37.65 -10.19
C PRO D 219 8.04 -38.75 -11.09
N LYS D 220 7.48 -38.35 -12.23
CA LYS D 220 6.96 -39.30 -13.21
C LYS D 220 8.05 -39.72 -14.19
N CYS E 1 10.66 7.46 5.37
CA CYS E 1 11.18 7.55 3.99
C CYS E 1 12.16 8.68 3.80
N GLN E 2 12.01 9.37 2.67
CA GLN E 2 12.75 10.59 2.40
C GLN E 2 11.81 11.76 2.08
N ASP E 4 11.69 14.77 -0.32
CA ASP E 4 12.40 15.09 -1.55
C ASP E 4 12.27 16.56 -1.92
N LEU E 5 13.41 17.25 -2.02
CA LEU E 5 13.43 18.70 -2.27
C LEU E 5 12.89 19.11 -3.62
N SER E 6 13.08 18.26 -4.62
CA SER E 6 12.61 18.54 -5.97
C SER E 6 11.09 18.64 -6.06
N THR E 7 10.39 17.73 -5.39
CA THR E 7 8.94 17.64 -5.52
C THR E 7 8.17 18.16 -4.31
N ARG E 8 8.88 18.31 -3.20
CA ARG E 8 8.27 18.66 -1.92
C ARG E 8 7.29 17.57 -1.50
N ARG E 9 7.64 16.32 -1.77
CA ARG E 9 6.78 15.21 -1.42
C ARG E 9 7.56 14.13 -0.72
N LEU E 10 6.86 13.40 0.14
CA LEU E 10 7.38 12.17 0.69
C LEU E 10 7.67 11.24 -0.46
N LYS E 11 8.88 10.70 -0.46
CA LYS E 11 9.27 9.72 -1.44
C LYS E 11 9.62 8.49 -0.63
N CYS E 12 8.83 7.44 -0.77
CA CYS E 12 9.01 6.22 0.01
C CYS E 12 9.43 5.06 -0.89
N CYS F 1 -12.43 -3.87 0.86
CA CYS F 1 -12.05 -5.00 1.68
C CYS F 1 -13.21 -5.95 1.94
N GLN F 2 -12.90 -7.25 1.98
CA GLN F 2 -13.86 -8.25 2.35
C GLN F 2 -13.25 -9.17 3.37
N ASP F 4 -12.64 -12.76 4.02
CA ASP F 4 -12.60 -13.95 3.19
C ASP F 4 -12.81 -15.15 4.09
N LEU F 5 -13.86 -15.91 3.79
CA LEU F 5 -14.23 -17.07 4.59
C LEU F 5 -13.20 -18.17 4.59
N SER F 6 -12.56 -18.41 3.45
CA SER F 6 -11.68 -19.56 3.31
C SER F 6 -10.33 -19.37 4.01
N THR F 7 -9.89 -18.12 4.15
CA THR F 7 -8.61 -17.84 4.80
C THR F 7 -8.78 -17.23 6.20
N ARG F 8 -10.02 -16.91 6.55
CA ARG F 8 -10.29 -16.14 7.76
C ARG F 8 -9.40 -14.89 7.82
N ARG F 9 -9.22 -14.22 6.68
CA ARG F 9 -8.39 -13.03 6.62
C ARG F 9 -9.04 -11.87 5.88
N LEU F 10 -8.67 -10.67 6.27
CA LEU F 10 -9.03 -9.49 5.50
C LEU F 10 -8.43 -9.57 4.10
N LYS F 11 -9.24 -9.30 3.12
CA LYS F 11 -8.82 -9.33 1.77
C LYS F 11 -9.09 -8.01 1.12
N CYS F 12 -8.08 -7.45 0.52
CA CYS F 12 -8.31 -6.15 -0.10
C CYS F 12 -7.92 -6.16 -1.57
#